data_6L3A
#
_entry.id   6L3A
#
_cell.length_a   63.028
_cell.length_b   126.142
_cell.length_c   70.099
_cell.angle_alpha   90.000
_cell.angle_beta   116.460
_cell.angle_gamma   90.000
#
_symmetry.space_group_name_H-M   'P 1 21 1'
#
loop_
_entity.id
_entity.type
_entity.pdbx_description
1 polymer 'Cytochrome P450'
2 non-polymer 'PROTOPORPHYRIN IX CONTAINING FE'
3 non-polymer Everolimus
4 water water
#
_entity_poly.entity_id   1
_entity_poly.type   'polypeptide(L)'
_entity_poly.pdbx_seq_one_letter_code
;MSTTDQGETGKACPYPFAEMERLEIHPEYNRLRDAGELGRVLMPYGGETWLATSWEDVAKVFVDPRFSRSATLGKDVPRV
LPAIQDQPVIMLMDPPEHTRLRRLATKALTSRRMEALRPRTQEVADDLIDKMLAKGAPADLMEDFALPLPIIMICELLGV
PIEDQTKFRTWSDQMLSNGAYSQEVVMAAGQSLYLYLSELIAERRKQDTNDLLGSLVRARDKDDRLSETELVGFAVTLLI
AGYETTANAIGNSVYTLLTHPEKLAELRKDLSLIPKAVDELLRIIPIAKQASWVRMAVEDVELSGTIVKAGEAVAIQTHS
ANTDPKVYDHPEEIDFHRTSNPHMSLGHGAHHCMGAQLVRVEMQTALGSLISRIPALRFAVPEPRIKFLRGRLVPSLEAL
PLTW
;
_entity_poly.pdbx_strand_id   A,B
#
loop_
_chem_comp.id
_chem_comp.type
_chem_comp.name
_chem_comp.formula
E53 non-polymer Everolimus 'C53 H83 N O14'
HEM non-polymer 'PROTOPORPHYRIN IX CONTAINING FE' 'C34 H32 Fe N4 O4'
#
# COMPACT_ATOMS: atom_id res chain seq x y z
N GLY A 10 29.33 26.18 -19.87
CA GLY A 10 27.86 25.93 -19.96
C GLY A 10 27.53 24.65 -20.72
N LYS A 11 27.86 23.49 -20.14
CA LYS A 11 27.37 22.15 -20.58
C LYS A 11 25.82 22.18 -20.53
N ALA A 12 25.27 22.65 -19.41
CA ALA A 12 23.82 22.58 -19.05
C ALA A 12 23.01 23.62 -19.81
N CYS A 13 22.03 23.17 -20.62
CA CYS A 13 21.07 24.02 -21.39
C CYS A 13 20.23 24.86 -20.42
N PRO A 14 19.78 26.06 -20.85
CA PRO A 14 18.94 26.90 -19.99
C PRO A 14 17.54 26.29 -19.86
N TYR A 15 16.98 26.26 -18.64
CA TYR A 15 15.66 25.59 -18.47
C TYR A 15 14.56 26.39 -19.17
N PRO A 16 14.78 27.70 -19.39
CA PRO A 16 13.81 28.50 -20.12
C PRO A 16 13.72 27.80 -21.47
N PHE A 17 13.07 26.64 -21.53
CA PHE A 17 13.05 25.91 -22.81
C PHE A 17 11.62 25.47 -23.09
N ALA A 18 10.82 25.37 -22.03
CA ALA A 18 9.44 24.87 -22.13
C ALA A 18 8.49 25.95 -22.64
N GLU A 19 7.24 25.57 -22.86
CA GLU A 19 6.18 26.51 -23.26
C GLU A 19 4.86 25.87 -22.88
N MET A 20 3.99 26.61 -22.22
CA MET A 20 2.68 26.08 -21.79
C MET A 20 1.61 26.55 -22.78
N GLU A 21 1.93 26.56 -24.08
CA GLU A 21 0.95 26.99 -25.13
C GLU A 21 -0.42 26.39 -24.79
N ARG A 22 -0.41 25.08 -24.67
CA ARG A 22 -1.61 24.24 -24.43
C ARG A 22 -1.18 23.17 -23.44
N LEU A 23 -1.64 21.94 -23.63
CA LEU A 23 -1.28 20.84 -22.69
C LEU A 23 -0.19 20.00 -23.34
N GLU A 24 0.83 20.66 -23.89
CA GLU A 24 1.97 20.04 -24.58
C GLU A 24 3.17 19.98 -23.65
N ILE A 25 4.05 19.01 -23.87
CA ILE A 25 5.28 18.86 -23.04
C ILE A 25 6.46 18.92 -24.00
N HIS A 26 7.58 19.49 -23.58
CA HIS A 26 8.75 19.59 -24.48
C HIS A 26 9.39 18.21 -24.65
N PRO A 27 9.90 17.86 -25.85
CA PRO A 27 10.45 16.53 -26.11
C PRO A 27 11.69 16.10 -25.30
N GLU A 28 12.42 17.07 -24.77
CA GLU A 28 13.66 16.81 -24.00
C GLU A 28 13.37 15.78 -22.91
N TYR A 29 12.25 15.94 -22.24
CA TYR A 29 11.86 15.05 -21.12
C TYR A 29 11.83 13.59 -21.60
N ASN A 30 11.33 13.38 -22.82
CA ASN A 30 11.20 12.00 -23.37
C ASN A 30 12.44 11.61 -24.18
N ARG A 31 13.41 12.50 -24.31
CA ARG A 31 14.68 12.11 -24.96
C ARG A 31 15.57 11.69 -23.80
N LEU A 32 15.61 12.53 -22.78
CA LEU A 32 16.42 12.26 -21.58
C LEU A 32 15.98 10.91 -21.01
N ARG A 33 14.69 10.74 -20.79
CA ARG A 33 14.24 9.45 -20.21
C ARG A 33 14.70 8.29 -21.07
N ASP A 34 14.41 8.35 -22.37
CA ASP A 34 14.68 7.19 -23.25
C ASP A 34 16.12 7.16 -23.76
N ALA A 35 17.08 7.61 -22.94
CA ALA A 35 18.51 7.63 -23.34
C ALA A 35 19.37 8.03 -22.14
N GLY A 36 19.55 9.33 -21.90
CA GLY A 36 20.42 9.84 -20.81
C GLY A 36 19.80 9.70 -19.43
N GLU A 37 20.18 8.69 -18.68
CA GLU A 37 19.56 8.50 -17.37
C GLU A 37 19.33 9.91 -16.83
N LEU A 38 20.39 10.58 -16.41
CA LEU A 38 20.24 11.88 -15.70
C LEU A 38 20.62 13.03 -16.65
N GLY A 39 19.76 14.04 -16.74
CA GLY A 39 20.00 15.19 -17.62
C GLY A 39 20.37 16.39 -16.78
N ARG A 40 21.07 17.37 -17.36
CA ARG A 40 21.46 18.56 -16.57
C ARG A 40 20.99 19.81 -17.29
N VAL A 41 20.38 20.73 -16.53
CA VAL A 41 19.86 22.02 -17.07
C VAL A 41 20.12 23.14 -16.06
N LEU A 42 20.24 24.37 -16.58
CA LEU A 42 20.53 25.60 -15.81
C LEU A 42 19.21 26.33 -15.51
N MET A 43 18.86 26.45 -14.22
CA MET A 43 17.66 27.22 -13.78
C MET A 43 17.95 28.72 -13.86
N PRO A 44 16.96 29.55 -14.24
CA PRO A 44 17.19 30.99 -14.40
C PRO A 44 17.70 31.66 -13.12
N TYR A 45 17.28 31.15 -11.96
CA TYR A 45 17.67 31.62 -10.59
C TYR A 45 18.23 30.44 -9.78
N GLY A 46 19.18 30.71 -8.88
CA GLY A 46 20.02 29.66 -8.27
C GLY A 46 20.96 29.03 -9.29
N GLY A 47 21.55 27.87 -8.99
CA GLY A 47 22.63 27.29 -9.80
C GLY A 47 22.12 26.62 -11.07
N GLU A 48 22.64 25.42 -11.36
CA GLU A 48 22.06 24.45 -12.32
C GLU A 48 21.59 23.25 -11.48
N THR A 49 20.91 22.28 -12.08
CA THR A 49 20.35 21.14 -11.32
C THR A 49 20.05 19.95 -12.22
N TRP A 50 20.19 18.76 -11.64
CA TRP A 50 19.81 17.45 -12.21
C TRP A 50 18.31 17.42 -12.47
N LEU A 51 17.88 16.66 -13.48
CA LEU A 51 16.47 16.54 -13.96
C LEU A 51 16.06 15.06 -14.13
N ALA A 52 15.54 14.43 -13.08
CA ALA A 52 15.06 13.03 -13.16
C ALA A 52 13.79 12.97 -14.02
N THR A 53 13.71 12.02 -14.97
CA THR A 53 12.57 11.92 -15.92
C THR A 53 11.98 10.51 -15.98
N SER A 54 12.68 9.44 -15.58
CA SER A 54 12.20 8.03 -15.64
C SER A 54 11.22 7.76 -14.51
N TRP A 55 10.35 6.76 -14.65
CA TRP A 55 9.56 6.22 -13.51
C TRP A 55 10.52 5.82 -12.38
N GLU A 56 11.59 5.08 -12.73
CA GLU A 56 12.58 4.51 -11.77
C GLU A 56 13.05 5.60 -10.79
N ASP A 57 13.65 6.67 -11.34
CA ASP A 57 14.39 7.75 -10.62
C ASP A 57 13.40 8.62 -9.86
N VAL A 58 12.30 8.97 -10.54
CA VAL A 58 11.31 9.98 -10.05
C VAL A 58 10.68 9.41 -8.77
N ALA A 59 10.34 8.12 -8.82
CA ALA A 59 9.84 7.30 -7.68
C ALA A 59 10.79 7.44 -6.49
N LYS A 60 12.10 7.28 -6.75
CA LYS A 60 13.22 7.36 -5.77
C LYS A 60 13.27 8.74 -5.11
N VAL A 61 13.34 9.81 -5.92
CA VAL A 61 13.53 11.24 -5.49
C VAL A 61 12.48 11.61 -4.42
N PHE A 62 11.31 10.93 -4.44
CA PHE A 62 10.21 11.10 -3.46
C PHE A 62 10.49 10.29 -2.18
N VAL A 63 11.14 9.13 -2.30
CA VAL A 63 11.14 8.07 -1.24
C VAL A 63 12.52 7.93 -0.56
N ASP A 64 13.62 8.34 -1.21
CA ASP A 64 15.00 8.08 -0.73
C ASP A 64 15.38 9.09 0.36
N PRO A 65 15.62 8.67 1.63
CA PRO A 65 15.97 9.64 2.68
C PRO A 65 17.32 10.34 2.44
N ARG A 66 18.10 9.88 1.47
CA ARG A 66 19.34 10.57 1.05
C ARG A 66 18.97 11.79 0.18
N PHE A 67 17.69 12.20 0.17
CA PHE A 67 17.17 13.39 -0.55
C PHE A 67 16.35 14.29 0.38
N SER A 68 17.01 15.23 1.09
CA SER A 68 16.41 16.25 2.00
C SER A 68 15.73 17.38 1.22
N ARG A 69 14.51 17.76 1.63
CA ARG A 69 13.73 18.92 1.12
C ARG A 69 13.58 19.92 2.26
N SER A 70 13.85 19.48 3.49
CA SER A 70 14.05 20.35 4.66
C SER A 70 15.19 21.30 4.32
N ALA A 71 16.29 20.76 3.78
CA ALA A 71 17.55 21.50 3.50
C ALA A 71 17.37 22.40 2.26
N THR A 72 16.20 23.03 2.11
CA THR A 72 15.89 24.02 1.04
C THR A 72 15.28 25.30 1.65
N LEU A 73 14.72 25.22 2.87
CA LEU A 73 14.26 26.40 3.67
C LEU A 73 15.33 27.50 3.59
N GLY A 74 15.02 28.58 2.87
CA GLY A 74 15.83 29.80 2.84
C GLY A 74 17.21 29.54 2.30
N LYS A 75 17.31 28.63 1.32
CA LYS A 75 18.58 28.33 0.60
C LYS A 75 18.48 28.86 -0.85
N ASP A 76 19.65 29.12 -1.45
CA ASP A 76 19.89 29.68 -2.81
C ASP A 76 19.87 28.53 -3.84
N VAL A 77 18.86 27.65 -3.76
CA VAL A 77 18.78 26.41 -4.57
C VAL A 77 18.23 26.76 -5.95
N PRO A 78 18.49 25.94 -6.98
CA PRO A 78 17.93 26.15 -8.32
C PRO A 78 16.39 26.16 -8.30
N ARG A 79 15.80 26.97 -9.17
CA ARG A 79 14.36 27.33 -9.11
C ARG A 79 13.99 28.10 -10.37
N VAL A 80 12.69 28.38 -10.55
CA VAL A 80 12.14 29.09 -11.74
C VAL A 80 11.69 30.50 -11.29
N LEU A 81 11.06 30.62 -10.12
CA LEU A 81 10.75 31.92 -9.44
C LEU A 81 12.01 32.50 -8.79
N PRO A 82 12.04 33.83 -8.51
CA PRO A 82 13.08 34.44 -7.68
C PRO A 82 12.78 34.48 -6.17
N ALA A 83 11.54 34.20 -5.77
CA ALA A 83 11.13 34.11 -4.34
C ALA A 83 11.77 32.88 -3.70
N ILE A 84 12.55 33.09 -2.63
CA ILE A 84 13.34 32.04 -1.93
C ILE A 84 12.51 31.50 -0.75
N GLN A 85 11.86 30.35 -0.95
CA GLN A 85 11.05 29.65 0.09
C GLN A 85 12.01 28.97 1.07
N GLN A 87 8.54 29.76 5.97
CA GLN A 87 7.93 28.83 4.98
C GLN A 87 7.94 27.39 5.49
N PRO A 88 7.86 27.11 6.82
CA PRO A 88 7.99 25.73 7.31
C PRO A 88 6.70 24.96 7.08
N VAL A 89 6.62 24.25 5.94
CA VAL A 89 5.38 23.58 5.44
C VAL A 89 5.59 22.06 5.45
N ILE A 90 4.48 21.31 5.58
CA ILE A 90 4.41 19.82 5.67
C ILE A 90 5.23 19.15 4.54
N MET A 91 5.54 19.88 3.47
CA MET A 91 6.03 19.38 2.14
C MET A 91 7.49 19.79 1.92
N LEU A 92 8.02 20.60 2.83
CA LEU A 92 9.46 20.98 2.94
C LEU A 92 9.94 20.52 4.33
N MET A 93 9.30 19.49 4.86
CA MET A 93 9.75 18.86 6.11
C MET A 93 10.21 17.43 5.81
N ASP A 94 10.90 16.82 6.77
CA ASP A 94 11.34 15.41 6.74
C ASP A 94 11.31 14.89 8.17
N PRO A 95 11.45 13.56 8.38
CA PRO A 95 11.41 13.01 9.73
C PRO A 95 12.44 13.66 10.66
N PRO A 96 12.22 13.67 11.99
CA PRO A 96 11.00 13.13 12.58
C PRO A 96 9.87 14.17 12.67
N GLU A 97 10.08 15.37 12.12
CA GLU A 97 9.14 16.51 12.25
C GLU A 97 7.94 16.27 11.33
N HIS A 98 8.17 15.89 10.06
CA HIS A 98 7.12 15.64 9.03
C HIS A 98 6.30 14.41 9.39
N THR A 99 6.97 13.29 9.67
CA THR A 99 6.29 12.00 9.98
C THR A 99 5.60 12.13 11.35
N ARG A 100 5.66 13.31 12.00
CA ARG A 100 4.94 13.66 13.25
C ARG A 100 3.74 14.58 12.94
N LEU A 101 4.01 15.71 12.28
CA LEU A 101 2.94 16.62 11.77
C LEU A 101 1.94 15.76 11.01
N ARG A 102 2.34 15.17 9.87
CA ARG A 102 1.44 14.40 8.97
C ARG A 102 0.74 13.29 9.74
N ARG A 103 1.43 12.54 10.61
CA ARG A 103 0.80 11.47 11.43
C ARG A 103 -0.42 12.05 12.17
N LEU A 104 -0.25 13.17 12.87
CA LEU A 104 -1.34 13.80 13.68
C LEU A 104 -2.50 14.26 12.78
N ALA A 105 -2.20 14.96 11.68
CA ALA A 105 -3.16 15.51 10.68
C ALA A 105 -3.99 14.38 10.04
N THR A 106 -3.35 13.30 9.58
CA THR A 106 -4.03 12.20 8.84
C THR A 106 -5.14 11.57 9.71
N LYS A 107 -5.04 11.67 11.04
CA LYS A 107 -6.07 11.19 12.00
C LYS A 107 -7.39 11.97 11.80
N ALA A 108 -7.29 13.26 11.47
CA ALA A 108 -8.44 14.16 11.21
C ALA A 108 -8.83 14.14 9.72
N LEU A 109 -7.85 14.00 8.81
CA LEU A 109 -8.09 14.11 7.34
C LEU A 109 -8.11 12.72 6.69
N THR A 110 -8.91 11.81 7.25
CA THR A 110 -8.98 10.38 6.88
C THR A 110 -9.61 10.19 5.49
N SER A 111 -9.36 9.02 4.90
CA SER A 111 -9.94 8.56 3.62
C SER A 111 -11.45 8.40 3.80
N ARG A 112 -11.90 8.16 5.04
CA ARG A 112 -13.34 8.05 5.36
C ARG A 112 -13.97 9.44 5.19
N ARG A 113 -13.57 10.41 6.02
CA ARG A 113 -14.16 11.78 6.07
C ARG A 113 -14.29 12.35 4.65
N MET A 114 -13.33 12.07 3.79
CA MET A 114 -13.24 12.71 2.44
C MET A 114 -14.23 12.04 1.49
N GLU A 115 -14.49 10.74 1.66
CA GLU A 115 -15.51 9.98 0.88
C GLU A 115 -16.91 10.42 1.35
N ALA A 116 -17.09 10.63 2.65
CA ALA A 116 -18.36 11.08 3.28
C ALA A 116 -18.75 12.44 2.71
N LEU A 117 -17.81 13.17 2.08
CA LEU A 117 -18.10 14.46 1.40
C LEU A 117 -18.83 14.25 0.06
N ARG A 118 -18.94 13.02 -0.46
CA ARG A 118 -19.41 12.76 -1.85
C ARG A 118 -20.85 13.24 -2.00
N PRO A 119 -21.78 12.79 -1.12
CA PRO A 119 -23.13 13.36 -1.07
C PRO A 119 -23.19 14.88 -1.30
N ARG A 120 -22.59 15.69 -0.41
CA ARG A 120 -22.54 17.16 -0.60
C ARG A 120 -22.04 17.50 -2.01
N THR A 121 -20.96 16.88 -2.48
CA THR A 121 -20.25 17.24 -3.74
C THR A 121 -21.17 17.07 -4.95
N GLN A 122 -22.06 16.06 -4.90
CA GLN A 122 -23.20 15.82 -5.84
C GLN A 122 -24.09 17.06 -5.92
N GLU A 123 -24.69 17.42 -4.78
CA GLU A 123 -25.60 18.58 -4.66
C GLU A 123 -24.97 19.74 -5.44
N VAL A 124 -23.66 19.93 -5.28
CA VAL A 124 -22.92 21.17 -5.66
C VAL A 124 -22.67 21.19 -7.17
N ALA A 125 -22.36 20.03 -7.77
CA ALA A 125 -22.19 19.90 -9.23
C ALA A 125 -23.55 20.11 -9.90
N ASP A 126 -24.57 19.40 -9.38
CA ASP A 126 -26.00 19.49 -9.83
C ASP A 126 -26.42 20.96 -9.78
N ASP A 127 -26.29 21.57 -8.59
CA ASP A 127 -26.39 23.02 -8.28
C ASP A 127 -25.83 23.91 -9.41
N LEU A 128 -24.63 23.59 -9.93
CA LEU A 128 -23.81 24.53 -10.75
C LEU A 128 -24.17 24.41 -12.24
N ILE A 129 -24.34 23.17 -12.71
CA ILE A 129 -24.80 22.91 -14.13
C ILE A 129 -26.23 23.43 -14.24
N ASP A 130 -26.96 23.43 -13.11
CA ASP A 130 -28.35 23.92 -13.01
C ASP A 130 -28.39 25.41 -13.39
N LYS A 131 -27.62 26.26 -12.70
CA LYS A 131 -27.61 27.70 -13.07
C LYS A 131 -26.89 27.82 -14.40
N MET A 132 -25.80 27.08 -14.59
CA MET A 132 -25.04 27.08 -15.87
C MET A 132 -25.96 26.77 -17.06
N LEU A 133 -26.85 25.77 -16.94
CA LEU A 133 -27.88 25.44 -17.96
C LEU A 133 -28.91 26.59 -18.05
N ALA A 134 -29.56 26.94 -16.92
CA ALA A 134 -30.54 28.04 -16.78
C ALA A 134 -30.10 29.30 -17.54
N LYS A 135 -28.84 29.74 -17.38
CA LYS A 135 -28.33 31.06 -17.88
C LYS A 135 -28.25 31.06 -19.40
N GLY A 136 -28.12 29.89 -20.04
CA GLY A 136 -28.07 29.76 -21.52
C GLY A 136 -26.66 29.57 -22.05
N ALA A 137 -26.51 28.78 -23.12
CA ALA A 137 -25.23 28.61 -23.85
C ALA A 137 -25.05 29.80 -24.80
N PRO A 138 -23.81 30.13 -25.25
CA PRO A 138 -22.58 29.54 -24.72
C PRO A 138 -22.25 30.03 -23.30
N ALA A 139 -21.71 29.12 -22.48
CA ALA A 139 -21.16 29.36 -21.11
C ALA A 139 -19.65 29.11 -21.11
N ASP A 140 -19.03 29.28 -19.93
CA ASP A 140 -17.57 29.11 -19.72
C ASP A 140 -17.34 28.32 -18.42
N LEU A 141 -17.08 27.02 -18.53
CA LEU A 141 -16.94 26.07 -17.41
C LEU A 141 -15.91 26.49 -16.35
N MET A 142 -14.84 27.17 -16.73
CA MET A 142 -13.84 27.51 -15.69
C MET A 142 -14.49 28.38 -14.61
N GLU A 143 -15.12 29.47 -15.02
CA GLU A 143 -15.79 30.37 -14.05
C GLU A 143 -17.14 29.77 -13.67
N ASP A 144 -17.98 29.53 -14.66
CA ASP A 144 -19.36 29.03 -14.45
C ASP A 144 -19.40 27.82 -13.50
N PHE A 145 -18.61 26.78 -13.71
CA PHE A 145 -18.75 25.60 -12.81
C PHE A 145 -17.39 25.13 -12.30
N ALA A 146 -16.46 24.86 -13.20
CA ALA A 146 -15.16 24.47 -12.62
C ALA A 146 -14.41 25.77 -12.45
N LEU A 147 -14.01 25.97 -11.19
CA LEU A 147 -13.28 27.12 -10.60
C LEU A 147 -13.84 27.30 -9.18
N PRO A 148 -15.17 27.26 -8.97
CA PRO A 148 -15.76 27.29 -7.65
C PRO A 148 -15.90 25.90 -7.03
N LEU A 149 -16.50 24.97 -7.74
CA LEU A 149 -16.75 23.63 -7.14
C LEU A 149 -15.77 23.32 -6.02
N PRO A 150 -14.43 23.50 -6.20
CA PRO A 150 -13.45 23.04 -5.20
C PRO A 150 -13.33 23.93 -3.96
N ILE A 151 -13.58 25.23 -4.09
CA ILE A 151 -13.61 26.18 -2.93
C ILE A 151 -14.79 25.80 -2.04
N ILE A 152 -15.98 25.72 -2.64
CA ILE A 152 -17.25 25.32 -1.99
C ILE A 152 -17.03 23.97 -1.27
N MET A 153 -16.16 23.12 -1.80
CA MET A 153 -15.89 21.78 -1.23
C MET A 153 -14.85 21.87 -0.11
N ILE A 154 -13.82 22.73 -0.29
CA ILE A 154 -12.78 23.03 0.75
C ILE A 154 -13.45 23.72 1.95
N CYS A 155 -14.29 24.71 1.70
CA CYS A 155 -15.08 25.43 2.73
C CYS A 155 -15.85 24.42 3.58
N GLU A 156 -16.53 23.46 2.95
CA GLU A 156 -17.34 22.44 3.66
C GLU A 156 -16.43 21.58 4.54
N LEU A 157 -15.22 21.26 4.04
CA LEU A 157 -14.27 20.30 4.67
C LEU A 157 -13.82 20.86 6.05
N LEU A 158 -13.21 22.05 6.00
CA LEU A 158 -12.66 22.80 7.17
C LEU A 158 -13.79 23.02 8.18
N GLY A 159 -14.87 23.64 7.71
CA GLY A 159 -16.07 23.95 8.50
C GLY A 159 -16.59 25.35 8.25
N VAL A 160 -16.02 26.06 7.28
CA VAL A 160 -16.40 27.48 6.97
C VAL A 160 -17.91 27.67 6.94
N PRO A 161 -18.51 28.30 7.98
CA PRO A 161 -19.95 28.49 8.04
C PRO A 161 -20.50 29.23 6.81
N ILE A 162 -21.67 28.79 6.38
CA ILE A 162 -22.43 29.31 5.20
C ILE A 162 -22.33 30.84 5.12
N GLU A 163 -22.59 31.53 6.22
CA GLU A 163 -22.56 33.02 6.18
C GLU A 163 -21.20 33.52 5.68
N ASP A 164 -20.08 33.01 6.21
CA ASP A 164 -18.73 33.58 5.95
C ASP A 164 -18.22 33.11 4.58
N GLN A 165 -18.95 32.22 3.90
CA GLN A 165 -18.50 31.46 2.70
C GLN A 165 -18.12 32.43 1.56
N THR A 166 -18.98 33.39 1.20
CA THR A 166 -18.81 34.28 0.02
C THR A 166 -17.79 35.37 0.34
N LYS A 167 -17.55 35.62 1.63
CA LYS A 167 -16.54 36.59 2.17
C LYS A 167 -15.19 35.86 2.34
N PHE A 168 -15.20 34.53 2.27
CA PHE A 168 -14.00 33.66 2.23
C PHE A 168 -13.39 33.75 0.83
N ARG A 169 -14.21 33.49 -0.20
CA ARG A 169 -13.84 33.62 -1.63
C ARG A 169 -13.23 35.00 -1.87
N THR A 170 -13.80 36.04 -1.23
CA THR A 170 -13.24 37.44 -1.26
C THR A 170 -11.71 37.35 -1.18
N TRP A 171 -11.18 36.88 -0.04
CA TRP A 171 -9.72 36.89 0.29
C TRP A 171 -9.00 35.74 -0.45
N SER A 172 -9.58 34.53 -0.37
CA SER A 172 -9.01 33.27 -0.92
C SER A 172 -8.72 33.41 -2.42
N ASP A 173 -9.41 34.34 -3.09
CA ASP A 173 -9.16 34.69 -4.50
C ASP A 173 -8.37 36.00 -4.57
N GLN A 174 -8.19 36.72 -3.45
CA GLN A 174 -7.26 37.89 -3.40
C GLN A 174 -5.82 37.37 -3.29
N MET A 175 -5.62 36.09 -2.96
CA MET A 175 -4.33 35.36 -3.13
C MET A 175 -4.29 34.74 -4.55
N LEU A 176 -4.06 35.60 -5.56
CA LEU A 176 -4.20 35.29 -7.02
C LEU A 176 -3.82 33.84 -7.28
N TYR A 181 -4.64 42.26 -7.80
CA TYR A 181 -3.31 41.66 -8.04
C TYR A 181 -2.22 42.64 -7.60
N SER A 182 -2.28 43.10 -6.34
CA SER A 182 -1.25 43.92 -5.63
C SER A 182 -0.73 43.15 -4.41
N GLN A 183 0.18 43.72 -3.62
CA GLN A 183 0.68 43.11 -2.37
C GLN A 183 -0.10 43.67 -1.17
N GLU A 184 -0.66 44.87 -1.34
CA GLU A 184 -1.40 45.59 -0.27
C GLU A 184 -2.85 45.09 -0.28
N VAL A 185 -3.13 44.01 -1.01
CA VAL A 185 -4.45 43.30 -0.98
C VAL A 185 -4.26 41.77 -0.87
N VAL A 186 -3.16 41.17 -1.39
CA VAL A 186 -2.92 39.70 -1.30
C VAL A 186 -2.50 39.35 0.14
N MET A 187 -1.62 40.17 0.74
CA MET A 187 -1.09 39.93 2.12
C MET A 187 -2.07 40.51 3.14
N ALA A 188 -2.87 41.49 2.74
CA ALA A 188 -4.10 41.87 3.45
C ALA A 188 -5.00 40.65 3.50
N ALA A 189 -5.21 40.01 2.33
CA ALA A 189 -5.99 38.77 2.14
C ALA A 189 -5.33 37.60 2.88
N GLY A 190 -4.00 37.57 2.91
CA GLY A 190 -3.22 36.65 3.75
C GLY A 190 -3.64 36.77 5.21
N GLN A 191 -3.28 37.87 5.87
CA GLN A 191 -3.53 38.10 7.31
C GLN A 191 -5.04 37.94 7.57
N SER A 192 -5.89 38.48 6.68
CA SER A 192 -7.38 38.44 6.75
C SER A 192 -7.89 37.00 6.80
N LEU A 193 -7.11 36.04 6.27
CA LEU A 193 -7.50 34.61 6.20
C LEU A 193 -6.80 33.80 7.29
N TYR A 194 -5.58 34.16 7.67
CA TYR A 194 -4.88 33.55 8.83
C TYR A 194 -5.78 33.77 10.05
N LEU A 195 -6.05 35.03 10.38
CA LEU A 195 -6.77 35.43 11.63
C LEU A 195 -8.20 34.90 11.57
N TYR A 196 -8.82 34.86 10.40
CA TYR A 196 -10.19 34.31 10.24
C TYR A 196 -10.21 32.82 10.61
N LEU A 197 -9.17 32.07 10.22
CA LEU A 197 -9.10 30.59 10.39
C LEU A 197 -8.76 30.26 11.85
N SER A 198 -7.70 30.88 12.38
CA SER A 198 -7.33 30.85 13.82
C SER A 198 -8.57 31.09 14.69
N GLU A 199 -9.34 32.13 14.35
CA GLU A 199 -10.66 32.44 14.98
C GLU A 199 -11.55 31.19 14.90
N LEU A 200 -11.80 30.69 13.70
CA LEU A 200 -12.78 29.59 13.43
C LEU A 200 -12.36 28.34 14.20
N ILE A 201 -11.06 28.05 14.27
CA ILE A 201 -10.55 26.86 15.01
C ILE A 201 -10.95 26.99 16.49
N ALA A 202 -10.78 28.19 17.07
CA ALA A 202 -11.09 28.52 18.47
C ALA A 202 -12.51 28.07 18.80
N GLU A 203 -13.43 28.26 17.83
CA GLU A 203 -14.89 27.98 17.92
C GLU A 203 -15.16 26.47 17.91
N ARG A 204 -14.38 25.69 17.15
CA ARG A 204 -14.51 24.21 17.06
C ARG A 204 -14.04 23.57 18.37
N ARG A 205 -13.10 24.19 19.07
CA ARG A 205 -12.65 23.79 20.43
C ARG A 205 -13.81 23.96 21.42
N LYS A 206 -14.61 25.01 21.25
CA LYS A 206 -15.88 25.24 22.01
C LYS A 206 -16.89 24.12 21.67
N GLN A 207 -17.45 24.15 20.45
CA GLN A 207 -18.35 23.11 19.89
C GLN A 207 -17.47 22.00 19.30
N ASP A 208 -17.08 21.00 20.11
CA ASP A 208 -16.16 19.92 19.65
C ASP A 208 -16.93 19.09 18.62
N THR A 209 -16.88 19.53 17.36
CA THR A 209 -17.75 19.09 16.24
C THR A 209 -17.28 17.72 15.71
N ASN A 210 -17.95 17.23 14.67
CA ASN A 210 -17.49 16.11 13.80
C ASN A 210 -16.81 16.71 12.57
N ASP A 211 -16.18 17.87 12.72
CA ASP A 211 -15.61 18.76 11.68
C ASP A 211 -14.15 18.32 11.46
N LEU A 212 -13.45 18.82 10.42
CA LEU A 212 -11.99 18.58 10.24
C LEU A 212 -11.17 19.49 11.17
N LEU A 213 -11.47 20.79 11.26
CA LEU A 213 -10.85 21.72 12.25
C LEU A 213 -11.25 21.21 13.65
N GLY A 214 -12.46 20.67 13.78
CA GLY A 214 -12.96 20.02 15.01
C GLY A 214 -12.00 18.97 15.53
N SER A 215 -11.51 18.09 14.66
CA SER A 215 -10.81 16.82 15.02
C SER A 215 -9.29 16.94 14.85
N LEU A 216 -8.80 18.00 14.21
CA LEU A 216 -7.35 18.32 14.23
C LEU A 216 -6.96 18.72 15.65
N VAL A 217 -7.80 19.52 16.33
CA VAL A 217 -7.59 19.87 17.76
C VAL A 217 -7.53 18.55 18.53
N ARG A 218 -8.63 17.80 18.48
CA ARG A 218 -8.87 16.56 19.26
C ARG A 218 -7.94 15.42 18.82
N ALA A 219 -7.06 15.66 17.86
CA ALA A 219 -6.18 14.56 17.40
C ALA A 219 -4.87 14.57 18.20
N ARG A 220 -4.56 13.48 18.88
CA ARG A 220 -3.31 13.40 19.69
C ARG A 220 -2.78 11.96 19.70
N ASP A 221 -1.50 11.90 19.33
CA ASP A 221 -0.54 10.78 19.30
C ASP A 221 0.08 10.80 20.70
N LYS A 222 -0.20 9.78 21.50
CA LYS A 222 0.30 9.70 22.89
C LYS A 222 -0.11 11.00 23.58
N ASP A 223 0.86 11.86 23.89
CA ASP A 223 0.58 13.16 24.56
C ASP A 223 0.98 14.28 23.60
N ASP A 224 1.06 13.97 22.31
CA ASP A 224 1.48 15.04 21.35
C ASP A 224 0.23 15.72 20.80
N ARG A 225 0.39 16.96 20.33
CA ARG A 225 -0.74 17.71 19.77
C ARG A 225 -0.20 18.74 18.78
N LEU A 226 -1.09 19.31 17.97
CA LEU A 226 -0.72 20.42 17.09
C LEU A 226 -0.96 21.71 17.86
N SER A 227 0.01 22.62 17.82
CA SER A 227 -0.03 23.98 18.42
C SER A 227 -0.83 24.92 17.51
N GLU A 228 -1.25 26.07 18.04
CA GLU A 228 -2.08 27.07 17.31
C GLU A 228 -1.53 27.24 15.88
N THR A 229 -0.21 27.34 15.71
CA THR A 229 0.47 27.68 14.42
C THR A 229 0.67 26.45 13.51
N GLU A 230 0.56 25.23 14.06
CA GLU A 230 0.53 23.97 13.25
C GLU A 230 -0.90 23.77 12.77
N LEU A 231 -1.85 23.90 13.69
CA LEU A 231 -3.31 23.86 13.43
C LEU A 231 -3.65 24.79 12.25
N VAL A 232 -3.55 26.11 12.46
CA VAL A 232 -3.79 27.20 11.46
C VAL A 232 -2.95 26.94 10.21
N GLY A 233 -1.66 26.62 10.41
CA GLY A 233 -0.68 26.34 9.33
C GLY A 233 -1.12 25.21 8.43
N PHE A 234 -1.56 24.09 9.02
CA PHE A 234 -2.13 22.91 8.32
C PHE A 234 -3.46 23.30 7.64
N ALA A 235 -4.37 23.89 8.42
CA ALA A 235 -5.66 24.44 7.93
C ALA A 235 -5.39 25.16 6.60
N VAL A 236 -4.72 26.31 6.65
CA VAL A 236 -4.45 27.23 5.50
C VAL A 236 -3.82 26.46 4.33
N THR A 237 -2.96 25.46 4.60
CA THR A 237 -2.21 24.69 3.56
C THR A 237 -3.19 23.86 2.72
N LEU A 238 -4.18 23.21 3.33
CA LEU A 238 -5.26 22.52 2.57
C LEU A 238 -5.86 23.53 1.56
N LEU A 239 -6.31 24.69 2.05
CA LEU A 239 -7.00 25.74 1.26
C LEU A 239 -6.23 26.04 -0.04
N ILE A 240 -4.92 26.20 0.04
CA ILE A 240 -4.06 26.59 -1.12
C ILE A 240 -3.81 25.35 -1.99
N ALA A 241 -3.57 24.19 -1.37
CA ALA A 241 -3.38 22.90 -2.05
C ALA A 241 -4.62 22.55 -2.89
N GLY A 242 -5.82 22.84 -2.38
CA GLY A 242 -7.08 22.25 -2.91
C GLY A 242 -7.91 23.20 -3.77
N TYR A 243 -7.60 24.48 -3.81
CA TYR A 243 -8.36 25.47 -4.63
C TYR A 243 -7.92 25.32 -6.09
N GLU A 244 -6.77 25.92 -6.43
CA GLU A 244 -6.36 26.25 -7.83
C GLU A 244 -6.04 24.99 -8.64
N THR A 245 -5.71 23.86 -7.97
CA THR A 245 -5.22 22.63 -8.62
C THR A 245 -6.37 21.62 -8.84
N THR A 246 -7.50 21.78 -8.15
CA THR A 246 -8.72 20.96 -8.40
C THR A 246 -9.55 21.60 -9.53
N ALA A 247 -9.60 22.93 -9.57
CA ALA A 247 -10.12 23.70 -10.72
C ALA A 247 -9.43 23.21 -12.00
N ASN A 248 -8.10 23.08 -11.97
CA ASN A 248 -7.27 22.85 -13.17
C ASN A 248 -7.26 21.37 -13.52
N ALA A 249 -7.27 20.48 -12.51
CA ALA A 249 -7.54 19.03 -12.69
C ALA A 249 -8.80 18.88 -13.55
N ILE A 250 -9.89 19.57 -13.17
CA ILE A 250 -11.25 19.47 -13.79
C ILE A 250 -11.24 20.08 -15.19
N GLY A 251 -11.12 21.41 -15.28
CA GLY A 251 -11.24 22.19 -16.53
C GLY A 251 -10.40 21.59 -17.66
N ASN A 252 -9.13 21.27 -17.40
CA ASN A 252 -8.23 20.62 -18.38
C ASN A 252 -8.81 19.24 -18.71
N SER A 253 -9.03 18.37 -17.70
CA SER A 253 -9.53 16.98 -17.90
C SER A 253 -10.73 17.02 -18.86
N VAL A 254 -11.61 18.00 -18.72
CA VAL A 254 -12.73 18.18 -19.68
C VAL A 254 -12.11 18.47 -21.07
N TYR A 255 -11.44 19.61 -21.25
CA TYR A 255 -10.81 20.04 -22.54
C TYR A 255 -10.17 18.84 -23.25
N THR A 256 -9.57 17.93 -22.47
CA THR A 256 -8.89 16.68 -22.94
C THR A 256 -9.98 15.68 -23.38
N LEU A 257 -10.85 15.30 -22.45
CA LEU A 257 -11.96 14.35 -22.72
C LEU A 257 -12.71 14.78 -24.00
N LEU A 258 -12.80 16.09 -24.24
CA LEU A 258 -13.56 16.70 -25.37
C LEU A 258 -12.68 16.67 -26.63
N THR A 259 -11.39 16.42 -26.47
CA THR A 259 -10.40 16.27 -27.57
C THR A 259 -10.47 14.84 -28.11
N HIS A 260 -11.02 13.91 -27.32
CA HIS A 260 -11.19 12.45 -27.62
C HIS A 260 -12.64 12.02 -27.51
N PRO A 261 -13.54 12.43 -28.45
CA PRO A 261 -14.96 12.12 -28.34
C PRO A 261 -15.15 10.60 -28.32
N GLU A 262 -14.24 9.90 -29.01
CA GLU A 262 -14.04 8.42 -28.96
C GLU A 262 -14.22 7.97 -27.52
N LYS A 263 -13.61 8.71 -26.60
CA LYS A 263 -13.41 8.37 -25.16
C LYS A 263 -14.59 8.88 -24.33
N LEU A 264 -15.19 10.02 -24.70
CA LEU A 264 -16.47 10.48 -24.12
C LEU A 264 -17.50 9.34 -24.23
N ALA A 265 -18.00 9.06 -25.43
CA ALA A 265 -19.03 8.04 -25.69
C ALA A 265 -18.77 6.80 -24.82
N GLU A 266 -17.52 6.34 -24.70
CA GLU A 266 -17.14 5.16 -23.89
C GLU A 266 -17.55 5.37 -22.44
N LEU A 267 -17.40 6.61 -21.94
CA LEU A 267 -17.82 7.04 -20.57
C LEU A 267 -19.33 7.30 -20.55
N ARG A 268 -19.76 8.31 -21.30
CA ARG A 268 -21.18 8.72 -21.42
C ARG A 268 -22.06 7.48 -21.43
N LYS A 269 -21.89 6.64 -22.45
CA LYS A 269 -22.73 5.44 -22.61
C LYS A 269 -22.18 4.31 -21.74
N ASP A 270 -21.50 4.67 -20.67
CA ASP A 270 -20.94 3.75 -19.65
C ASP A 270 -20.28 4.62 -18.59
N LEU A 271 -20.63 4.41 -17.32
CA LEU A 271 -20.08 5.29 -16.26
C LEU A 271 -19.41 4.46 -15.16
N SER A 272 -19.38 3.14 -15.30
CA SER A 272 -18.69 2.31 -14.28
C SER A 272 -17.19 2.60 -14.36
N LEU A 273 -16.76 3.33 -15.41
CA LEU A 273 -15.31 3.59 -15.62
C LEU A 273 -14.89 4.96 -15.08
N ILE A 274 -15.80 5.72 -14.48
CA ILE A 274 -15.43 7.08 -14.02
C ILE A 274 -14.24 7.04 -13.06
N PRO A 275 -14.16 6.10 -12.09
CA PRO A 275 -12.99 6.03 -11.21
C PRO A 275 -11.70 5.82 -12.00
N LYS A 276 -11.62 4.72 -12.73
CA LYS A 276 -10.43 4.35 -13.55
C LYS A 276 -10.08 5.44 -14.58
N ALA A 277 -11.06 6.14 -15.12
CA ALA A 277 -10.78 7.21 -16.10
C ALA A 277 -10.25 8.45 -15.41
N VAL A 278 -10.29 8.55 -14.09
CA VAL A 278 -9.79 9.84 -13.51
C VAL A 278 -8.28 9.70 -13.33
N ASP A 279 -7.82 8.61 -12.71
CA ASP A 279 -6.37 8.33 -12.57
C ASP A 279 -5.77 8.37 -13.99
N GLU A 280 -6.52 7.87 -14.98
CA GLU A 280 -6.03 7.87 -16.38
C GLU A 280 -5.87 9.31 -16.83
N LEU A 281 -6.95 10.09 -16.78
CA LEU A 281 -6.96 11.53 -17.17
C LEU A 281 -5.93 12.31 -16.32
N LEU A 282 -5.67 11.92 -15.08
CA LEU A 282 -4.59 12.57 -14.32
C LEU A 282 -3.29 12.20 -15.02
N ARG A 283 -2.84 10.95 -14.91
CA ARG A 283 -1.47 10.59 -15.38
C ARG A 283 -1.22 11.28 -16.73
N ILE A 284 -2.10 11.12 -17.73
CA ILE A 284 -1.84 11.54 -19.14
C ILE A 284 -1.57 13.06 -19.23
N ILE A 285 -2.02 13.85 -18.26
CA ILE A 285 -2.03 15.34 -18.34
C ILE A 285 -0.94 15.92 -17.44
N PRO A 286 -0.16 16.91 -17.94
CA PRO A 286 0.91 17.50 -17.14
C PRO A 286 0.26 18.38 -16.06
N ILE A 287 0.73 18.22 -14.82
CA ILE A 287 0.19 18.97 -13.66
C ILE A 287 0.97 20.27 -13.49
N ALA A 288 2.06 20.43 -14.23
CA ALA A 288 2.86 21.68 -14.14
C ALA A 288 3.43 22.02 -15.53
N LYS A 289 3.88 23.25 -15.70
CA LYS A 289 4.48 23.68 -17.00
C LYS A 289 5.99 23.52 -16.90
N GLN A 290 6.50 23.61 -15.67
CA GLN A 290 7.93 23.41 -15.37
C GLN A 290 8.07 22.08 -14.64
N ALA A 291 9.22 21.80 -14.04
CA ALA A 291 9.37 20.51 -13.33
C ALA A 291 8.93 20.62 -11.87
N SER A 292 9.78 20.23 -10.94
CA SER A 292 9.30 20.27 -9.55
C SER A 292 10.18 21.16 -8.69
N TRP A 293 9.93 21.15 -7.39
CA TRP A 293 10.75 21.92 -6.44
C TRP A 293 11.98 21.10 -6.15
N VAL A 294 13.10 21.48 -6.76
CA VAL A 294 14.44 20.84 -6.69
C VAL A 294 14.70 20.25 -5.30
N ARG A 295 15.04 18.96 -5.25
CA ARG A 295 15.37 18.27 -3.98
C ARG A 295 16.90 18.29 -3.82
N MET A 296 17.38 18.14 -2.58
CA MET A 296 18.84 18.23 -2.28
C MET A 296 19.37 16.88 -1.78
N ALA A 297 20.38 16.34 -2.45
CA ALA A 297 21.09 15.12 -2.04
C ALA A 297 21.94 15.43 -0.80
N VAL A 298 21.60 14.83 0.35
CA VAL A 298 22.33 14.93 1.66
C VAL A 298 23.41 13.83 1.73
N GLU A 299 23.46 12.92 0.74
CA GLU A 299 24.46 11.83 0.59
C GLU A 299 24.63 11.53 -0.91
N ASP A 300 25.70 10.82 -1.29
CA ASP A 300 26.04 10.54 -2.72
C ASP A 300 25.11 9.44 -3.22
N VAL A 301 24.21 9.73 -4.17
CA VAL A 301 23.28 8.64 -4.57
C VAL A 301 23.22 8.48 -6.10
N GLU A 302 23.56 7.29 -6.58
CA GLU A 302 23.51 7.00 -8.04
C GLU A 302 22.05 7.18 -8.50
N LEU A 303 21.80 8.11 -9.40
CA LEU A 303 20.41 8.32 -9.84
C LEU A 303 20.31 8.14 -11.35
N SER A 304 19.58 7.13 -11.78
CA SER A 304 19.34 6.84 -13.22
C SER A 304 20.64 6.90 -14.01
N GLY A 305 21.67 6.17 -13.56
CA GLY A 305 22.96 6.13 -14.28
C GLY A 305 24.01 7.04 -13.67
N THR A 306 23.77 8.36 -13.71
CA THR A 306 24.70 9.41 -13.20
C THR A 306 24.73 9.37 -11.67
N ILE A 307 25.75 9.95 -11.05
CA ILE A 307 25.87 9.85 -9.58
C ILE A 307 25.81 11.21 -8.87
N VAL A 308 24.60 11.64 -8.55
CA VAL A 308 24.28 12.88 -7.78
C VAL A 308 25.17 12.93 -6.54
N LYS A 309 26.20 13.78 -6.59
CA LYS A 309 27.05 14.22 -5.44
C LYS A 309 26.20 14.96 -4.38
N ALA A 310 26.44 14.70 -3.08
CA ALA A 310 25.71 15.32 -1.95
C ALA A 310 25.88 16.84 -1.98
N GLY A 311 24.80 17.58 -1.74
CA GLY A 311 24.74 19.05 -1.88
C GLY A 311 24.30 19.43 -3.28
N GLU A 312 24.39 18.50 -4.25
CA GLU A 312 23.95 18.68 -5.66
C GLU A 312 22.41 18.52 -5.66
N ALA A 313 21.70 19.18 -6.59
CA ALA A 313 20.23 19.34 -6.62
C ALA A 313 19.59 18.55 -7.78
N VAL A 314 18.32 18.17 -7.63
CA VAL A 314 17.56 17.37 -8.64
C VAL A 314 16.06 17.72 -8.57
N ALA A 315 15.43 17.83 -9.75
CA ALA A 315 14.00 18.15 -9.96
C ALA A 315 13.30 17.00 -10.73
N ILE A 316 12.12 16.56 -10.24
CA ILE A 316 11.28 15.49 -10.85
C ILE A 316 10.28 16.12 -11.85
N GLN A 317 10.25 15.60 -13.08
CA GLN A 317 9.11 15.79 -14.02
C GLN A 317 8.24 14.54 -13.92
N THR A 318 6.94 14.72 -13.62
CA THR A 318 6.00 13.60 -13.35
C THR A 318 5.50 13.03 -14.67
N HIS A 319 5.24 13.88 -15.68
CA HIS A 319 4.59 13.47 -16.95
C HIS A 319 5.31 12.26 -17.56
N SER A 320 6.64 12.40 -17.67
CA SER A 320 7.58 11.43 -18.28
C SER A 320 7.64 10.15 -17.43
N ALA A 321 7.61 10.28 -16.10
CA ALA A 321 7.50 9.12 -15.19
C ALA A 321 6.21 8.38 -15.55
N ASN A 322 5.10 9.12 -15.61
CA ASN A 322 3.71 8.61 -15.76
C ASN A 322 3.50 8.06 -17.17
N THR A 323 4.34 8.46 -18.14
CA THR A 323 4.30 7.93 -19.54
C THR A 323 5.57 7.13 -19.88
N ASP A 324 6.27 6.56 -18.89
CA ASP A 324 7.49 5.72 -19.07
C ASP A 324 7.12 4.40 -19.75
N PRO A 325 7.61 4.11 -20.98
CA PRO A 325 7.25 2.85 -21.65
C PRO A 325 7.72 1.65 -20.81
N LYS A 326 8.64 1.89 -19.88
CA LYS A 326 9.22 0.86 -18.95
C LYS A 326 8.16 0.40 -17.94
N VAL A 327 7.11 1.20 -17.68
CA VAL A 327 6.06 0.92 -16.66
C VAL A 327 4.68 0.86 -17.31
N TYR A 328 4.38 1.80 -18.20
CA TYR A 328 3.10 1.87 -18.93
C TYR A 328 3.26 1.29 -20.34
N ASP A 329 2.61 0.16 -20.61
CA ASP A 329 2.33 -0.30 -21.99
C ASP A 329 1.39 0.73 -22.65
N HIS A 330 1.45 0.87 -23.98
CA HIS A 330 0.77 1.92 -24.81
C HIS A 330 0.69 3.25 -24.07
N PRO A 331 1.84 3.78 -23.62
CA PRO A 331 1.85 4.83 -22.61
C PRO A 331 1.32 6.19 -23.06
N GLU A 332 1.14 6.44 -24.37
CA GLU A 332 0.61 7.76 -24.82
C GLU A 332 -0.82 7.61 -25.32
N GLU A 333 -1.38 6.39 -25.33
CA GLU A 333 -2.83 6.20 -25.62
C GLU A 333 -3.56 6.21 -24.27
N ILE A 334 -4.80 6.74 -24.29
CA ILE A 334 -5.73 6.84 -23.12
C ILE A 334 -6.55 5.52 -23.02
N ASP A 335 -6.34 4.75 -21.96
CA ASP A 335 -7.03 3.44 -21.76
C ASP A 335 -7.64 3.39 -20.35
N PHE A 336 -8.97 3.28 -20.26
CA PHE A 336 -9.74 3.29 -18.99
C PHE A 336 -9.78 1.86 -18.42
N HIS A 337 -9.15 0.90 -19.09
CA HIS A 337 -9.22 -0.54 -18.72
C HIS A 337 -7.88 -1.01 -18.13
N ARG A 338 -6.93 -0.11 -17.86
CA ARG A 338 -5.58 -0.41 -17.32
C ARG A 338 -5.68 -1.25 -16.06
N THR A 339 -5.12 -2.44 -16.09
CA THR A 339 -5.22 -3.43 -14.98
C THR A 339 -4.51 -2.85 -13.73
N SER A 340 -3.69 -1.80 -13.91
CA SER A 340 -2.95 -1.17 -12.79
C SER A 340 -2.31 0.15 -13.25
N ASN A 341 -2.40 1.19 -12.41
CA ASN A 341 -2.03 2.58 -12.76
C ASN A 341 -1.21 3.18 -11.61
N PRO A 342 0.09 2.89 -11.53
CA PRO A 342 0.93 3.50 -10.51
C PRO A 342 1.46 4.83 -11.06
N HIS A 343 0.56 5.81 -11.22
CA HIS A 343 0.91 7.17 -11.68
C HIS A 343 1.50 7.99 -10.52
N MET A 344 2.13 9.11 -10.87
CA MET A 344 2.86 9.98 -9.91
C MET A 344 2.14 11.34 -9.79
N SER A 345 1.06 11.58 -10.54
CA SER A 345 0.32 12.88 -10.59
C SER A 345 -0.04 13.35 -9.18
N LEU A 346 -0.38 12.41 -8.29
CA LEU A 346 -0.75 12.74 -6.88
C LEU A 346 0.41 12.43 -5.93
N GLY A 347 1.59 12.07 -6.44
CA GLY A 347 2.81 11.92 -5.63
C GLY A 347 3.04 10.49 -5.14
N HIS A 348 4.15 10.24 -4.45
CA HIS A 348 4.55 8.90 -3.95
C HIS A 348 5.16 9.03 -2.55
N GLY A 349 5.15 7.93 -1.81
CA GLY A 349 5.83 7.83 -0.51
C GLY A 349 5.04 8.49 0.61
N ALA A 350 5.77 9.04 1.59
CA ALA A 350 5.23 9.55 2.86
C ALA A 350 4.78 11.00 2.66
N HIS A 351 4.94 11.50 1.43
CA HIS A 351 4.31 12.77 0.99
C HIS A 351 3.30 12.47 -0.11
N HIS A 352 2.58 11.36 0.03
CA HIS A 352 1.31 11.04 -0.69
C HIS A 352 0.36 12.24 -0.48
N CYS A 353 -0.18 12.80 -1.56
CA CYS A 353 -1.23 13.86 -1.51
C CYS A 353 -2.29 13.42 -0.49
N MET A 354 -2.54 14.24 0.52
CA MET A 354 -3.49 13.88 1.59
C MET A 354 -4.87 14.40 1.18
N GLY A 355 -4.89 15.23 0.13
CA GLY A 355 -6.10 15.62 -0.61
C GLY A 355 -6.62 14.52 -1.51
N ALA A 356 -5.86 13.41 -1.66
CA ALA A 356 -6.04 12.37 -2.71
C ALA A 356 -7.50 11.93 -2.81
N GLN A 357 -8.03 11.36 -1.73
CA GLN A 357 -9.40 10.77 -1.69
C GLN A 357 -10.41 11.81 -2.18
N LEU A 358 -10.22 13.09 -1.83
CA LEU A 358 -11.12 14.24 -2.17
C LEU A 358 -10.98 14.61 -3.64
N VAL A 359 -9.78 14.51 -4.20
CA VAL A 359 -9.53 14.85 -5.63
C VAL A 359 -10.28 13.86 -6.51
N ARG A 360 -10.36 12.61 -6.03
CA ARG A 360 -10.97 11.50 -6.79
C ARG A 360 -12.49 11.68 -6.69
N VAL A 361 -13.02 11.90 -5.49
CA VAL A 361 -14.50 12.06 -5.31
C VAL A 361 -14.98 13.36 -5.95
N GLU A 362 -14.14 14.41 -6.04
CA GLU A 362 -14.46 15.67 -6.77
C GLU A 362 -14.50 15.40 -8.29
N MET A 363 -13.39 15.00 -8.91
CA MET A 363 -13.26 14.86 -10.40
C MET A 363 -14.28 13.82 -10.91
N GLN A 364 -14.45 12.71 -10.20
CA GLN A 364 -15.39 11.64 -10.60
C GLN A 364 -16.80 12.22 -10.78
N THR A 365 -17.35 12.79 -9.71
CA THR A 365 -18.76 13.24 -9.64
C THR A 365 -18.93 14.53 -10.47
N ALA A 366 -17.83 15.26 -10.78
CA ALA A 366 -17.83 16.49 -11.59
C ALA A 366 -17.95 16.14 -13.07
N LEU A 367 -17.21 15.15 -13.56
CA LEU A 367 -17.44 14.55 -14.89
C LEU A 367 -18.71 13.69 -14.79
N GLY A 368 -18.75 12.77 -13.81
CA GLY A 368 -19.91 11.90 -13.51
C GLY A 368 -21.22 12.60 -13.85
N SER A 369 -21.36 13.84 -13.37
CA SER A 369 -22.47 14.78 -13.70
C SER A 369 -22.34 15.30 -15.14
N LEU A 370 -21.46 16.25 -15.41
CA LEU A 370 -21.36 16.99 -16.71
C LEU A 370 -21.67 16.09 -17.93
N ILE A 371 -20.98 14.95 -18.04
CA ILE A 371 -21.05 13.95 -19.17
C ILE A 371 -22.46 13.37 -19.32
N SER A 372 -23.20 13.27 -18.24
CA SER A 372 -24.62 12.86 -18.36
C SER A 372 -25.44 14.13 -18.50
N ARG A 373 -25.70 14.78 -17.38
CA ARG A 373 -26.51 16.01 -17.32
C ARG A 373 -26.36 16.94 -18.54
N ILE A 374 -25.26 16.92 -19.29
CA ILE A 374 -25.18 17.64 -20.59
C ILE A 374 -24.59 16.71 -21.66
N PRO A 375 -25.36 15.74 -22.25
CA PRO A 375 -24.78 14.80 -23.20
C PRO A 375 -24.14 15.60 -24.35
N ALA A 376 -24.93 16.42 -25.07
CA ALA A 376 -24.51 17.10 -26.32
C ALA A 376 -23.58 18.30 -26.01
N LEU A 377 -22.81 18.22 -24.92
CA LEU A 377 -21.86 19.26 -24.43
C LEU A 377 -20.61 19.23 -25.30
N ARG A 378 -20.33 20.32 -26.03
CA ARG A 378 -19.33 20.40 -27.12
C ARG A 378 -18.63 21.75 -26.99
N PHE A 379 -17.42 21.91 -27.53
CA PHE A 379 -16.71 23.22 -27.57
C PHE A 379 -17.60 24.22 -28.33
N ALA A 380 -17.67 25.46 -27.84
CA ALA A 380 -18.45 26.56 -28.44
C ALA A 380 -17.69 27.13 -29.63
N VAL A 381 -16.36 27.17 -29.51
CA VAL A 381 -15.43 27.82 -30.48
C VAL A 381 -14.45 26.75 -30.95
N PRO A 382 -13.88 26.83 -32.18
CA PRO A 382 -12.84 25.88 -32.59
C PRO A 382 -11.78 25.56 -31.51
N GLU A 383 -11.47 24.28 -31.33
CA GLU A 383 -10.53 23.77 -30.29
C GLU A 383 -9.20 24.55 -30.33
N PRO A 384 -8.56 24.70 -31.50
CA PRO A 384 -7.39 25.56 -31.66
C PRO A 384 -7.50 26.97 -31.07
N ARG A 385 -8.72 27.47 -30.84
CA ARG A 385 -8.98 28.91 -30.55
C ARG A 385 -9.12 29.11 -29.03
N ILE A 386 -9.58 28.09 -28.30
CA ILE A 386 -9.49 28.00 -26.82
C ILE A 386 -8.10 28.49 -26.40
N LYS A 387 -8.03 29.46 -25.48
CA LYS A 387 -6.74 30.07 -25.04
C LYS A 387 -6.41 29.64 -23.61
N PHE A 388 -5.12 29.40 -23.35
CA PHE A 388 -4.59 29.00 -22.02
C PHE A 388 -3.85 30.21 -21.44
N LEU A 389 -3.75 30.27 -20.12
CA LEU A 389 -3.13 31.43 -19.42
C LEU A 389 -1.61 31.45 -19.60
N ARG A 390 -1.13 32.61 -20.02
CA ARG A 390 0.31 32.83 -20.27
C ARG A 390 0.97 33.09 -18.93
N GLY A 391 0.35 32.60 -17.85
CA GLY A 391 0.83 32.79 -16.47
C GLY A 391 1.90 31.80 -16.09
N ARG A 392 1.73 31.10 -14.97
CA ARG A 392 2.86 30.21 -14.61
C ARG A 392 2.41 29.05 -13.74
N LEU A 393 3.40 28.33 -13.24
CA LEU A 393 3.29 27.13 -12.37
C LEU A 393 2.60 26.00 -13.14
N VAL A 394 1.31 25.79 -12.91
CA VAL A 394 0.59 24.71 -13.64
C VAL A 394 -0.23 25.32 -14.77
N PRO A 395 -0.55 24.58 -15.85
CA PRO A 395 -1.33 25.12 -16.97
C PRO A 395 -2.76 25.43 -16.55
N SER A 396 -3.24 26.64 -16.89
CA SER A 396 -4.62 27.07 -16.54
C SER A 396 -5.36 27.49 -17.80
N LEU A 397 -6.69 27.39 -17.77
CA LEU A 397 -7.53 27.71 -18.94
C LEU A 397 -8.12 29.11 -18.78
N GLU A 398 -7.73 30.04 -19.65
CA GLU A 398 -8.31 31.40 -19.61
C GLU A 398 -9.83 31.24 -19.51
N ALA A 399 -10.41 30.56 -20.50
CA ALA A 399 -11.86 30.21 -20.58
C ALA A 399 -11.98 28.81 -21.15
N LEU A 400 -13.06 28.10 -20.84
CA LEU A 400 -13.44 26.82 -21.50
C LEU A 400 -14.84 27.00 -22.07
N PRO A 401 -15.00 27.76 -23.16
CA PRO A 401 -16.31 28.08 -23.71
C PRO A 401 -16.96 26.86 -24.36
N LEU A 402 -18.08 26.43 -23.81
CA LEU A 402 -18.85 25.23 -24.21
C LEU A 402 -20.23 25.68 -24.67
N THR A 403 -20.91 24.80 -25.40
CA THR A 403 -22.28 25.01 -25.94
C THR A 403 -23.00 23.66 -25.86
N TRP A 404 -24.34 23.68 -25.84
CA TRP A 404 -25.17 22.46 -25.72
C TRP A 404 -26.49 22.68 -26.47
N GLY B 10 -32.61 -9.22 0.12
CA GLY B 10 -31.47 -10.13 0.28
C GLY B 10 -30.15 -9.41 0.04
N LYS B 11 -29.05 -10.17 -0.09
CA LYS B 11 -27.72 -9.56 -0.35
C LYS B 11 -26.81 -10.58 -1.04
N ALA B 12 -25.90 -11.18 -0.27
CA ALA B 12 -24.95 -12.22 -0.72
C ALA B 12 -24.00 -11.74 -1.82
N CYS B 13 -23.12 -10.78 -1.50
CA CYS B 13 -22.09 -10.30 -2.45
C CYS B 13 -21.22 -11.50 -2.81
N PRO B 14 -20.94 -11.80 -4.09
CA PRO B 14 -20.11 -12.93 -4.42
C PRO B 14 -18.68 -12.73 -3.91
N TYR B 15 -18.07 -13.80 -3.39
CA TYR B 15 -16.68 -13.79 -2.87
C TYR B 15 -15.86 -14.77 -3.71
N PRO B 16 -14.54 -14.62 -3.92
CA PRO B 16 -13.77 -13.43 -3.55
C PRO B 16 -13.99 -12.16 -4.37
N PHE B 17 -13.57 -11.03 -3.82
CA PHE B 17 -13.72 -9.70 -4.46
C PHE B 17 -12.69 -9.54 -5.58
N ALA B 18 -12.98 -10.16 -6.73
CA ALA B 18 -12.13 -10.11 -7.94
C ALA B 18 -10.70 -10.62 -7.68
N GLU B 19 -9.74 -10.08 -8.41
CA GLU B 19 -8.33 -10.54 -8.26
C GLU B 19 -7.64 -9.69 -7.20
N MET B 20 -6.43 -10.12 -6.83
CA MET B 20 -5.61 -9.46 -5.80
C MET B 20 -4.43 -8.78 -6.49
N GLU B 21 -3.75 -9.52 -7.35
CA GLU B 21 -2.55 -9.08 -8.11
C GLU B 21 -1.31 -9.03 -7.21
N ARG B 22 -0.97 -7.86 -6.68
CA ARG B 22 0.27 -7.69 -5.88
C ARG B 22 0.07 -8.07 -4.41
N LEU B 23 0.60 -7.25 -3.53
CA LEU B 23 0.45 -7.44 -2.06
C LEU B 23 -0.71 -6.56 -1.58
N GLU B 24 -1.37 -5.87 -2.52
CA GLU B 24 -2.49 -4.93 -2.25
C GLU B 24 -3.76 -5.73 -2.00
N ILE B 25 -4.59 -5.28 -1.05
CA ILE B 25 -5.84 -5.97 -0.66
C ILE B 25 -7.04 -5.08 -0.99
N HIS B 26 -8.21 -5.68 -1.16
CA HIS B 26 -9.47 -4.96 -1.50
C HIS B 26 -9.88 -4.07 -0.33
N PRO B 27 -10.40 -2.85 -0.55
CA PRO B 27 -10.80 -1.98 0.56
C PRO B 27 -12.05 -2.45 1.31
N GLU B 28 -12.83 -3.32 0.68
CA GLU B 28 -14.19 -3.69 1.15
C GLU B 28 -14.11 -4.51 2.45
N TYR B 29 -12.94 -5.08 2.73
CA TYR B 29 -12.76 -5.83 4.00
C TYR B 29 -12.77 -4.80 5.13
N ASN B 30 -11.85 -3.84 5.07
CA ASN B 30 -11.73 -2.81 6.13
C ASN B 30 -13.06 -2.12 6.39
N ARG B 31 -13.77 -1.72 5.34
CA ARG B 31 -15.09 -1.03 5.42
C ARG B 31 -15.98 -1.67 6.48
N LEU B 32 -16.40 -2.92 6.25
CA LEU B 32 -17.24 -3.69 7.18
C LEU B 32 -16.62 -3.51 8.55
N ARG B 33 -15.33 -3.75 8.65
CA ARG B 33 -14.68 -3.62 9.98
C ARG B 33 -14.96 -2.22 10.53
N ASP B 34 -15.10 -1.22 9.65
CA ASP B 34 -15.29 0.17 10.11
C ASP B 34 -16.76 0.57 10.16
N ALA B 35 -17.65 -0.43 10.33
CA ALA B 35 -19.12 -0.25 10.44
C ALA B 35 -19.72 -1.60 10.81
N GLY B 36 -20.48 -2.16 9.87
CA GLY B 36 -21.14 -3.46 10.06
C GLY B 36 -20.16 -4.50 10.55
N GLU B 37 -20.27 -4.85 11.83
CA GLU B 37 -19.43 -5.88 12.50
C GLU B 37 -19.21 -7.06 11.53
N LEU B 38 -20.28 -7.69 11.07
CA LEU B 38 -20.16 -8.80 10.11
C LEU B 38 -20.53 -8.31 8.71
N GLY B 39 -20.38 -9.21 7.75
CA GLY B 39 -20.73 -9.02 6.33
C GLY B 39 -20.92 -10.41 5.76
N ARG B 40 -22.00 -10.68 5.03
CA ARG B 40 -22.14 -12.07 4.54
C ARG B 40 -21.75 -12.13 3.07
N VAL B 41 -21.01 -13.16 2.68
CA VAL B 41 -20.58 -13.29 1.25
C VAL B 41 -20.74 -14.75 0.84
N LEU B 42 -20.81 -15.00 -0.47
CA LEU B 42 -20.98 -16.36 -1.00
C LEU B 42 -19.72 -16.74 -1.77
N MET B 43 -19.12 -17.89 -1.42
CA MET B 43 -17.88 -18.33 -2.09
C MET B 43 -18.21 -19.25 -3.26
N PRO B 44 -17.23 -19.60 -4.11
CA PRO B 44 -17.44 -20.50 -5.24
C PRO B 44 -18.16 -21.78 -4.80
N TYR B 45 -17.48 -22.60 -4.00
CA TYR B 45 -18.06 -23.85 -3.48
C TYR B 45 -18.69 -23.57 -2.12
N GLY B 46 -19.47 -24.52 -1.60
CA GLY B 46 -20.15 -24.34 -0.31
C GLY B 46 -21.33 -23.38 -0.42
N GLY B 47 -21.86 -22.91 0.70
CA GLY B 47 -22.97 -21.95 0.59
C GLY B 47 -22.46 -20.56 0.82
N GLU B 48 -23.21 -19.74 1.54
CA GLU B 48 -22.71 -18.40 1.90
C GLU B 48 -22.16 -18.51 3.32
N THR B 49 -21.19 -17.66 3.67
CA THR B 49 -20.64 -17.73 5.04
C THR B 49 -20.41 -16.31 5.55
N TRP B 50 -20.18 -16.18 6.85
CA TRP B 50 -19.96 -14.88 7.50
C TRP B 50 -18.49 -14.51 7.38
N LEU B 51 -18.16 -13.24 7.51
CA LEU B 51 -16.75 -12.80 7.37
C LEU B 51 -16.39 -11.83 8.48
N ALA B 52 -15.91 -12.32 9.62
CA ALA B 52 -15.49 -11.40 10.69
C ALA B 52 -14.27 -10.64 10.17
N THR B 53 -14.20 -9.33 10.39
CA THR B 53 -13.05 -8.62 9.83
C THR B 53 -12.40 -7.69 10.84
N SER B 54 -12.76 -7.73 12.12
CA SER B 54 -12.16 -6.76 13.07
C SER B 54 -11.28 -7.49 14.07
N TRP B 55 -10.51 -6.74 14.85
CA TRP B 55 -9.64 -7.38 15.88
C TRP B 55 -10.52 -8.16 16.86
N GLU B 56 -11.41 -7.46 17.56
CA GLU B 56 -12.29 -8.08 18.58
C GLU B 56 -12.80 -9.40 17.99
N ASP B 57 -13.30 -9.33 16.75
CA ASP B 57 -14.02 -10.43 16.06
C ASP B 57 -13.09 -11.61 15.80
N VAL B 58 -12.04 -11.43 15.00
CA VAL B 58 -11.28 -12.61 14.49
C VAL B 58 -10.69 -13.29 15.72
N ALA B 59 -10.14 -12.47 16.63
CA ALA B 59 -9.58 -12.87 17.94
C ALA B 59 -10.53 -13.90 18.59
N LYS B 60 -11.84 -13.64 18.55
CA LYS B 60 -12.89 -14.56 19.07
C LYS B 60 -12.82 -15.88 18.28
N VAL B 61 -12.93 -15.80 16.95
CA VAL B 61 -13.04 -16.97 16.04
C VAL B 61 -11.84 -17.90 16.24
N PHE B 62 -10.75 -17.40 16.83
CA PHE B 62 -9.53 -18.21 17.06
C PHE B 62 -9.74 -19.02 18.35
N VAL B 63 -10.31 -18.39 19.39
CA VAL B 63 -10.15 -18.79 20.83
C VAL B 63 -11.46 -19.35 21.43
N ASP B 64 -12.61 -18.75 21.13
CA ASP B 64 -13.94 -19.11 21.70
C ASP B 64 -14.37 -20.51 21.28
N PRO B 65 -14.73 -21.39 22.24
CA PRO B 65 -14.99 -22.82 21.96
C PRO B 65 -16.34 -23.17 21.32
N ARG B 66 -17.14 -22.16 20.99
CA ARG B 66 -18.39 -22.33 20.23
C ARG B 66 -18.04 -22.16 18.74
N PHE B 67 -16.91 -22.74 18.32
CA PHE B 67 -16.33 -22.62 16.95
C PHE B 67 -15.45 -23.83 16.61
N SER B 68 -16.08 -24.88 16.06
CA SER B 68 -15.48 -26.21 15.76
C SER B 68 -14.77 -26.17 14.41
N ARG B 69 -13.57 -26.75 14.36
CA ARG B 69 -12.80 -27.05 13.12
C ARG B 69 -13.09 -28.50 12.78
N SER B 70 -13.01 -29.39 13.80
CA SER B 70 -13.45 -30.81 13.82
C SER B 70 -14.66 -31.05 12.92
N ALA B 71 -15.58 -30.06 12.89
CA ALA B 71 -16.86 -30.06 12.15
C ALA B 71 -16.61 -29.99 10.64
N THR B 72 -15.51 -29.34 10.23
CA THR B 72 -15.21 -29.06 8.81
C THR B 72 -14.57 -30.28 8.16
N LEU B 73 -14.15 -31.26 8.97
CA LEU B 73 -13.67 -32.57 8.47
C LEU B 73 -14.81 -33.21 7.65
N GLY B 74 -14.70 -33.13 6.32
CA GLY B 74 -15.48 -33.95 5.37
C GLY B 74 -16.79 -33.32 4.92
N LYS B 75 -17.08 -32.08 5.32
CA LYS B 75 -18.40 -31.45 5.01
C LYS B 75 -18.26 -30.45 3.84
N ASP B 76 -19.39 -30.15 3.19
CA ASP B 76 -19.51 -29.24 2.01
C ASP B 76 -19.68 -27.82 2.52
N VAL B 77 -18.62 -27.29 3.14
CA VAL B 77 -18.61 -25.97 3.83
C VAL B 77 -18.30 -24.89 2.81
N PRO B 78 -18.78 -23.65 3.02
CA PRO B 78 -18.29 -22.49 2.28
C PRO B 78 -16.75 -22.47 2.18
N ARG B 79 -16.24 -22.36 0.96
CA ARG B 79 -14.80 -22.54 0.62
C ARG B 79 -14.57 -21.98 -0.79
N VAL B 80 -13.31 -21.82 -1.18
CA VAL B 80 -12.91 -21.11 -2.43
C VAL B 80 -12.46 -22.14 -3.48
N LEU B 81 -11.95 -23.29 -3.04
CA LEU B 81 -11.52 -24.41 -3.92
C LEU B 81 -12.42 -25.62 -3.68
N PRO B 82 -12.57 -26.52 -4.69
CA PRO B 82 -13.57 -27.59 -4.65
C PRO B 82 -13.22 -28.83 -3.81
N ALA B 83 -11.99 -28.93 -3.34
CA ALA B 83 -11.50 -30.08 -2.54
C ALA B 83 -12.12 -30.03 -1.14
N ILE B 84 -12.99 -31.01 -0.84
CA ILE B 84 -13.52 -31.28 0.52
C ILE B 84 -12.37 -31.82 1.37
N GLN B 85 -12.07 -31.14 2.48
CA GLN B 85 -10.95 -31.50 3.38
C GLN B 85 -11.31 -32.80 4.12
N ASP B 86 -10.53 -33.84 3.85
CA ASP B 86 -10.73 -35.22 4.35
C ASP B 86 -9.40 -35.81 4.82
N GLN B 87 -8.75 -35.20 5.80
CA GLN B 87 -7.48 -35.70 6.41
C GLN B 87 -7.33 -35.27 7.87
N PRO B 88 -6.90 -36.18 8.76
CA PRO B 88 -6.88 -35.91 10.20
C PRO B 88 -5.72 -34.97 10.57
N VAL B 89 -5.93 -33.66 10.41
CA VAL B 89 -4.85 -32.63 10.59
C VAL B 89 -5.06 -31.90 11.93
N ILE B 90 -3.93 -31.40 12.49
CA ILE B 90 -3.87 -30.54 13.71
C ILE B 90 -4.82 -29.34 13.54
N MET B 91 -4.72 -28.56 12.45
CA MET B 91 -5.44 -27.26 12.27
C MET B 91 -6.96 -27.43 12.39
N LEU B 92 -7.46 -28.64 12.20
CA LEU B 92 -8.91 -28.93 12.11
C LEU B 92 -9.32 -29.85 13.27
N MET B 93 -8.45 -30.04 14.26
CA MET B 93 -8.83 -30.79 15.48
C MET B 93 -9.31 -29.78 16.54
N ASP B 94 -9.89 -30.28 17.62
CA ASP B 94 -10.51 -29.49 18.70
C ASP B 94 -10.29 -30.24 20.01
N PRO B 95 -10.27 -29.55 21.19
CA PRO B 95 -10.15 -30.25 22.47
C PRO B 95 -11.30 -31.25 22.58
N PRO B 96 -11.07 -32.53 22.98
CA PRO B 96 -9.83 -32.94 23.64
C PRO B 96 -8.66 -33.30 22.71
N GLU B 97 -8.98 -33.69 21.48
CA GLU B 97 -8.01 -34.24 20.49
C GLU B 97 -6.77 -33.34 20.44
N HIS B 98 -6.96 -32.03 20.22
CA HIS B 98 -5.89 -31.07 19.81
C HIS B 98 -4.98 -30.78 20.98
N THR B 99 -5.53 -30.34 22.10
CA THR B 99 -4.74 -29.93 23.29
C THR B 99 -3.92 -31.14 23.79
N ARG B 100 -4.31 -32.37 23.46
CA ARG B 100 -3.54 -33.61 23.80
C ARG B 100 -2.38 -33.81 22.83
N LEU B 101 -2.58 -33.56 21.54
CA LEU B 101 -1.56 -33.75 20.47
C LEU B 101 -0.48 -32.67 20.60
N ARG B 102 -0.90 -31.40 20.61
CA ARG B 102 0.01 -30.23 20.70
C ARG B 102 0.74 -30.28 22.06
N ARG B 103 0.07 -30.66 23.16
CA ARG B 103 0.75 -30.85 24.47
C ARG B 103 1.96 -31.76 24.28
N LEU B 104 1.88 -32.72 23.34
CA LEU B 104 2.89 -33.81 23.13
C LEU B 104 3.91 -33.41 22.04
N ALA B 105 3.48 -32.68 21.02
CA ALA B 105 4.38 -32.13 19.97
C ALA B 105 5.17 -30.94 20.52
N THR B 106 4.70 -30.28 21.60
CA THR B 106 5.38 -29.13 22.25
C THR B 106 6.18 -29.60 23.46
N LYS B 107 6.49 -30.90 23.54
CA LYS B 107 7.54 -31.42 24.45
C LYS B 107 8.84 -31.46 23.66
N ALA B 108 8.77 -31.80 22.37
CA ALA B 108 9.93 -31.77 21.46
C ALA B 108 10.12 -30.33 20.94
N LEU B 109 9.24 -29.87 20.04
CA LEU B 109 9.32 -28.57 19.34
C LEU B 109 8.99 -27.44 20.31
N THR B 110 10.00 -26.71 20.77
CA THR B 110 9.86 -25.63 21.79
C THR B 110 10.55 -24.36 21.29
N SER B 111 10.39 -23.28 22.06
CA SER B 111 11.06 -21.97 21.85
C SER B 111 12.56 -22.17 22.02
N ARG B 112 12.97 -22.95 23.03
CA ARG B 112 14.41 -23.13 23.38
C ARG B 112 15.11 -23.91 22.27
N ARG B 113 14.59 -25.07 21.85
CA ARG B 113 15.18 -25.86 20.75
C ARG B 113 15.21 -25.02 19.48
N MET B 114 14.12 -24.33 19.15
CA MET B 114 13.99 -23.66 17.83
C MET B 114 14.92 -22.43 17.79
N GLU B 115 15.16 -21.81 18.95
CA GLU B 115 16.12 -20.71 19.12
C GLU B 115 17.54 -21.25 18.87
N ALA B 116 17.86 -22.43 19.41
CA ALA B 116 19.21 -23.06 19.35
C ALA B 116 19.56 -23.42 17.92
N LEU B 117 18.62 -23.28 16.96
CA LEU B 117 18.90 -23.45 15.50
C LEU B 117 19.41 -22.15 14.88
N ARG B 118 19.42 -21.02 15.62
CA ARG B 118 19.79 -19.68 15.09
C ARG B 118 21.24 -19.70 14.62
N PRO B 119 22.20 -20.24 15.41
CA PRO B 119 23.60 -20.28 15.02
C PRO B 119 23.78 -21.06 13.71
N ARG B 120 23.14 -22.22 13.60
CA ARG B 120 23.13 -23.06 12.37
C ARG B 120 22.51 -22.25 11.21
N THR B 121 21.38 -21.56 11.48
CA THR B 121 20.57 -20.78 10.49
C THR B 121 21.42 -19.68 9.85
N GLN B 122 22.16 -18.96 10.71
CA GLN B 122 23.10 -17.87 10.37
C GLN B 122 24.09 -18.38 9.32
N GLU B 123 24.71 -19.54 9.60
CA GLU B 123 25.64 -20.22 8.66
C GLU B 123 24.96 -20.38 7.29
N VAL B 124 23.73 -20.89 7.25
CA VAL B 124 23.00 -21.24 5.99
C VAL B 124 22.57 -19.96 5.27
N ALA B 125 22.33 -18.89 6.04
CA ALA B 125 21.98 -17.56 5.52
C ALA B 125 23.22 -17.00 4.83
N ASP B 126 24.37 -17.04 5.52
CA ASP B 126 25.64 -16.40 5.07
C ASP B 126 26.11 -17.09 3.78
N ASP B 127 26.01 -18.43 3.75
CA ASP B 127 26.32 -19.29 2.58
C ASP B 127 25.53 -18.84 1.33
N LEU B 128 24.21 -18.67 1.44
CA LEU B 128 23.33 -18.41 0.28
C LEU B 128 23.66 -17.04 -0.32
N ILE B 129 23.80 -16.04 0.52
CA ILE B 129 24.22 -14.67 0.07
C ILE B 129 25.65 -14.79 -0.49
N ASP B 130 26.49 -15.68 0.06
CA ASP B 130 27.85 -15.97 -0.48
C ASP B 130 27.72 -16.45 -1.93
N LYS B 131 26.94 -17.51 -2.18
CA LYS B 131 26.79 -18.17 -3.51
C LYS B 131 25.94 -17.32 -4.44
N MET B 132 25.17 -16.37 -3.90
CA MET B 132 24.38 -15.41 -4.72
C MET B 132 25.29 -14.30 -5.26
N LEU B 133 26.12 -13.71 -4.38
CA LEU B 133 27.09 -12.61 -4.69
C LEU B 133 28.13 -13.11 -5.69
N ALA B 134 28.55 -14.37 -5.54
CA ALA B 134 29.47 -15.07 -6.47
C ALA B 134 28.92 -14.98 -7.90
N LYS B 135 27.64 -15.31 -8.12
CA LYS B 135 27.08 -15.44 -9.50
C LYS B 135 27.04 -14.08 -10.17
N GLY B 136 27.11 -13.01 -9.37
CA GLY B 136 27.01 -11.61 -9.83
C GLY B 136 25.57 -11.23 -10.19
N ALA B 137 25.14 -10.01 -9.83
CA ALA B 137 23.84 -9.44 -10.22
C ALA B 137 23.79 -9.33 -11.75
N PRO B 138 22.60 -9.36 -12.41
CA PRO B 138 21.31 -9.41 -11.72
C PRO B 138 21.02 -10.81 -11.15
N ALA B 139 20.28 -10.87 -10.04
CA ALA B 139 19.94 -12.11 -9.28
C ALA B 139 18.47 -12.07 -8.82
N ASP B 140 17.82 -13.24 -8.77
CA ASP B 140 16.38 -13.42 -8.41
C ASP B 140 16.31 -14.02 -7.00
N LEU B 141 16.02 -13.21 -5.99
CA LEU B 141 16.17 -13.60 -4.55
C LEU B 141 15.35 -14.87 -4.27
N MET B 142 14.30 -15.14 -5.05
CA MET B 142 13.29 -16.18 -4.71
C MET B 142 13.95 -17.57 -4.77
N GLU B 143 14.58 -17.97 -5.87
CA GLU B 143 15.17 -19.33 -5.95
C GLU B 143 16.67 -19.29 -5.63
N ASP B 144 17.22 -18.09 -5.48
CA ASP B 144 18.65 -17.96 -5.06
C ASP B 144 18.69 -17.63 -3.56
N PHE B 145 17.50 -17.59 -2.97
CA PHE B 145 17.29 -17.25 -1.55
C PHE B 145 15.77 -17.17 -1.33
N ALA B 146 15.37 -17.39 -0.07
CA ALA B 146 14.00 -17.40 0.51
C ALA B 146 13.33 -18.74 0.26
N LEU B 147 13.26 -19.18 -0.98
CA LEU B 147 12.63 -20.49 -1.24
C LEU B 147 13.55 -21.60 -0.72
N PRO B 148 14.89 -21.49 -0.83
CA PRO B 148 15.78 -22.48 -0.26
C PRO B 148 16.05 -22.39 1.25
N LEU B 149 16.33 -21.21 1.79
CA LEU B 149 16.72 -21.09 3.24
C LEU B 149 15.79 -21.89 4.16
N PRO B 150 14.45 -21.80 4.03
CA PRO B 150 13.52 -22.44 4.96
C PRO B 150 13.42 -23.97 4.82
N ILE B 151 13.52 -24.50 3.60
CA ILE B 151 13.52 -25.98 3.38
C ILE B 151 14.79 -26.55 4.02
N ILE B 152 15.96 -25.93 3.82
CA ILE B 152 17.25 -26.38 4.41
C ILE B 152 17.11 -26.38 5.94
N MET B 153 16.47 -25.35 6.50
CA MET B 153 16.26 -25.25 7.95
C MET B 153 15.23 -26.27 8.40
N ILE B 154 14.26 -26.56 7.52
CA ILE B 154 13.21 -27.60 7.71
C ILE B 154 13.91 -28.94 7.93
N CYS B 155 14.95 -29.22 7.14
CA CYS B 155 15.83 -30.42 7.24
C CYS B 155 16.56 -30.47 8.59
N GLU B 156 17.22 -29.38 8.97
CA GLU B 156 18.01 -29.30 10.23
C GLU B 156 17.10 -29.58 11.44
N LEU B 157 15.86 -29.08 11.38
CA LEU B 157 14.85 -29.23 12.44
C LEU B 157 14.51 -30.72 12.56
N LEU B 158 13.91 -31.30 11.51
CA LEU B 158 13.46 -32.71 11.44
C LEU B 158 14.63 -33.66 11.70
N GLY B 159 15.78 -33.37 11.06
CA GLY B 159 17.04 -34.10 11.25
C GLY B 159 17.38 -34.97 10.06
N VAL B 160 16.90 -34.59 8.87
CA VAL B 160 17.40 -35.19 7.61
C VAL B 160 18.90 -35.11 7.69
N PRO B 161 19.63 -36.21 7.41
CA PRO B 161 21.08 -36.16 7.27
C PRO B 161 21.43 -35.59 5.89
N ILE B 162 22.52 -34.80 5.86
CA ILE B 162 22.98 -33.91 4.74
C ILE B 162 22.94 -34.68 3.40
N GLU B 163 23.34 -35.96 3.40
CA GLU B 163 23.26 -36.88 2.23
C GLU B 163 21.94 -36.63 1.47
N ASP B 164 20.81 -36.88 2.15
CA ASP B 164 19.47 -37.08 1.55
C ASP B 164 18.79 -35.74 1.23
N GLN B 165 19.31 -34.61 1.71
CA GLN B 165 18.63 -33.29 1.58
C GLN B 165 18.10 -33.10 0.15
N THR B 166 18.88 -33.41 -0.89
CA THR B 166 18.55 -33.12 -2.32
C THR B 166 17.40 -34.01 -2.81
N LYS B 167 17.42 -35.32 -2.49
CA LYS B 167 16.38 -36.29 -2.93
C LYS B 167 15.11 -36.03 -2.10
N PHE B 168 15.27 -35.44 -0.92
CA PHE B 168 14.18 -34.85 -0.11
C PHE B 168 13.55 -33.70 -0.91
N ARG B 169 14.28 -32.58 -1.09
CA ARG B 169 13.76 -31.30 -1.67
C ARG B 169 13.13 -31.53 -3.03
N THR B 170 13.67 -32.44 -3.85
CA THR B 170 13.12 -32.76 -5.20
C THR B 170 11.71 -33.36 -5.02
N TRP B 171 11.50 -34.25 -4.05
CA TRP B 171 10.16 -34.76 -3.68
C TRP B 171 9.26 -33.59 -3.23
N SER B 172 9.67 -32.88 -2.16
CA SER B 172 8.99 -31.67 -1.62
C SER B 172 8.62 -30.72 -2.77
N ASP B 173 9.59 -30.27 -3.58
CA ASP B 173 9.34 -29.39 -4.75
C ASP B 173 8.68 -30.18 -5.89
N GLN B 174 7.98 -31.29 -5.58
CA GLN B 174 6.99 -31.94 -6.49
C GLN B 174 5.57 -31.81 -5.88
N MET B 175 5.41 -31.10 -4.76
CA MET B 175 4.08 -30.77 -4.14
C MET B 175 3.89 -29.23 -4.17
N LEU B 176 3.64 -28.69 -5.38
CA LEU B 176 3.10 -27.34 -5.71
C LEU B 176 2.74 -27.31 -7.21
N SER B 177 1.48 -27.03 -7.55
CA SER B 177 1.00 -26.84 -8.95
C SER B 177 0.36 -25.46 -9.07
N ALA B 180 4.95 -27.63 -12.24
CA ALA B 180 3.73 -28.32 -11.77
C ALA B 180 3.76 -29.78 -12.22
N TYR B 181 4.67 -30.56 -11.66
CA TYR B 181 4.78 -32.00 -12.04
C TYR B 181 3.37 -32.60 -12.02
N SER B 182 2.93 -33.16 -13.15
CA SER B 182 1.59 -33.79 -13.31
C SER B 182 1.19 -34.63 -12.10
N GLN B 183 -0.02 -34.39 -11.61
CA GLN B 183 -0.54 -35.17 -10.45
C GLN B 183 -0.07 -36.61 -10.54
N GLU B 184 1.11 -36.84 -11.14
CA GLU B 184 1.67 -38.22 -11.29
C GLU B 184 2.79 -38.41 -10.26
N VAL B 185 3.57 -37.35 -10.01
CA VAL B 185 4.69 -37.40 -9.03
C VAL B 185 4.25 -36.71 -7.75
N VAL B 186 3.14 -35.98 -7.80
CA VAL B 186 2.64 -35.21 -6.62
C VAL B 186 2.21 -36.15 -5.49
N MET B 187 1.76 -37.36 -5.80
CA MET B 187 1.38 -38.33 -4.74
C MET B 187 2.57 -39.27 -4.56
N ALA B 188 3.08 -39.75 -5.68
CA ALA B 188 4.29 -40.62 -5.67
C ALA B 188 5.41 -39.92 -4.90
N ALA B 189 5.36 -38.59 -4.83
CA ALA B 189 6.27 -37.70 -4.06
C ALA B 189 5.86 -37.68 -2.58
N GLY B 190 4.57 -37.49 -2.30
CA GLY B 190 3.97 -37.62 -0.96
C GLY B 190 4.06 -39.05 -0.46
N GLN B 191 3.63 -40.01 -1.29
CA GLN B 191 3.76 -41.47 -1.04
C GLN B 191 5.21 -41.77 -0.61
N SER B 192 6.19 -41.28 -1.36
CA SER B 192 7.63 -41.58 -1.14
C SER B 192 8.17 -40.81 0.07
N LEU B 193 7.65 -39.60 0.32
CA LEU B 193 8.16 -38.67 1.37
C LEU B 193 7.66 -39.12 2.74
N TYR B 194 6.42 -39.60 2.84
CA TYR B 194 5.86 -40.29 4.03
C TYR B 194 6.81 -41.43 4.42
N LEU B 195 7.11 -42.32 3.47
CA LEU B 195 7.97 -43.52 3.67
C LEU B 195 9.35 -43.09 4.16
N TYR B 196 9.92 -42.02 3.59
CA TYR B 196 11.24 -41.50 4.05
C TYR B 196 11.14 -41.10 5.53
N LEU B 197 10.12 -40.34 5.91
CA LEU B 197 9.94 -39.80 7.28
C LEU B 197 9.66 -40.93 8.28
N SER B 198 8.73 -41.82 7.95
CA SER B 198 8.41 -43.03 8.75
C SER B 198 9.69 -43.83 9.07
N GLU B 199 10.60 -43.93 8.10
CA GLU B 199 11.88 -44.68 8.23
C GLU B 199 12.83 -43.91 9.17
N LEU B 200 13.08 -42.64 8.85
CA LEU B 200 13.94 -41.67 9.60
C LEU B 200 13.54 -41.65 11.08
N ILE B 201 12.24 -41.60 11.38
CA ILE B 201 11.67 -41.66 12.76
C ILE B 201 12.11 -42.96 13.47
N ALA B 202 11.92 -44.13 12.85
CA ALA B 202 12.37 -45.42 13.40
C ALA B 202 13.89 -45.37 13.59
N GLU B 203 14.62 -44.82 12.60
CA GLU B 203 16.10 -44.77 12.61
C GLU B 203 16.57 -43.76 13.67
N ARG B 204 15.67 -42.91 14.18
CA ARG B 204 15.94 -41.95 15.30
C ARG B 204 15.55 -42.61 16.63
N ARG B 205 14.31 -43.11 16.74
CA ARG B 205 13.87 -43.94 17.90
C ARG B 205 15.05 -44.84 18.33
N LYS B 206 15.78 -45.41 17.37
CA LYS B 206 16.88 -46.37 17.63
C LYS B 206 17.99 -45.68 18.43
N GLN B 207 18.77 -44.77 17.82
CA GLN B 207 19.85 -44.04 18.54
C GLN B 207 19.18 -42.91 19.33
N ASP B 208 19.61 -42.68 20.58
CA ASP B 208 18.91 -41.81 21.56
C ASP B 208 19.22 -40.33 21.26
N THR B 209 18.65 -39.81 20.16
CA THR B 209 19.09 -38.55 19.49
C THR B 209 18.47 -37.33 20.19
N ASN B 210 19.27 -36.26 20.29
CA ASN B 210 18.78 -34.96 20.83
C ASN B 210 18.06 -34.23 19.69
N ASP B 211 17.72 -34.95 18.62
CA ASP B 211 17.01 -34.39 17.45
C ASP B 211 15.53 -34.26 17.80
N LEU B 212 14.79 -33.43 17.06
CA LEU B 212 13.34 -33.19 17.28
C LEU B 212 12.61 -34.52 17.43
N LEU B 213 12.48 -35.24 16.34
CA LEU B 213 11.81 -36.58 16.32
C LEU B 213 12.30 -37.36 17.51
N GLY B 214 13.58 -37.25 17.76
CA GLY B 214 13.97 -38.04 18.94
C GLY B 214 13.02 -37.73 20.07
N SER B 215 12.91 -36.46 20.44
CA SER B 215 12.04 -36.07 21.58
C SER B 215 10.58 -36.35 21.27
N LEU B 216 10.20 -36.36 20.00
CA LEU B 216 8.77 -36.61 19.67
C LEU B 216 8.44 -38.07 20.01
N VAL B 217 9.39 -38.97 19.80
CA VAL B 217 9.29 -40.40 20.25
C VAL B 217 9.35 -40.40 21.78
N ARG B 218 10.36 -39.74 22.36
CA ARG B 218 10.74 -39.82 23.80
C ARG B 218 9.75 -39.03 24.68
N ALA B 219 9.05 -38.09 24.06
CA ALA B 219 8.10 -37.23 24.79
C ALA B 219 6.79 -37.97 25.04
N ARG B 220 6.36 -38.03 26.29
CA ARG B 220 5.10 -38.73 26.65
C ARG B 220 4.33 -37.90 27.68
N ASP B 221 3.04 -38.18 27.87
CA ASP B 221 2.24 -37.53 28.93
C ASP B 221 1.86 -38.66 29.89
N LYS B 222 2.27 -38.60 31.15
CA LYS B 222 2.02 -39.70 32.13
C LYS B 222 2.54 -40.99 31.50
N ASP B 223 1.68 -41.74 30.81
CA ASP B 223 2.08 -42.95 30.05
C ASP B 223 1.37 -42.86 28.71
N ASP B 224 1.55 -41.73 28.02
CA ASP B 224 0.89 -41.54 26.71
C ASP B 224 1.89 -40.96 25.71
N ARG B 225 2.28 -41.79 24.75
CA ARG B 225 3.17 -41.42 23.61
C ARG B 225 2.29 -41.14 22.39
N LEU B 226 2.82 -40.40 21.41
CA LEU B 226 2.17 -40.15 20.10
C LEU B 226 2.17 -41.46 19.32
N SER B 227 1.09 -41.72 18.58
CA SER B 227 1.02 -42.85 17.61
C SER B 227 2.14 -42.69 16.60
N GLU B 228 2.64 -43.82 16.09
CA GLU B 228 3.65 -43.93 15.00
C GLU B 228 3.12 -43.27 13.72
N THR B 229 1.80 -43.28 13.57
CA THR B 229 1.08 -42.62 12.45
C THR B 229 0.92 -41.14 12.79
N GLU B 230 0.84 -40.81 14.08
CA GLU B 230 0.83 -39.41 14.60
C GLU B 230 2.19 -38.77 14.37
N LEU B 231 3.27 -39.55 14.52
CA LEU B 231 4.67 -39.06 14.47
C LEU B 231 5.03 -38.62 13.04
N VAL B 232 4.58 -39.37 12.02
CA VAL B 232 4.85 -39.07 10.57
C VAL B 232 3.92 -37.93 10.13
N GLY B 233 2.62 -38.05 10.39
CA GLY B 233 1.61 -37.02 10.08
C GLY B 233 2.05 -35.65 10.57
N PHE B 234 2.66 -35.60 11.75
CA PHE B 234 3.15 -34.33 12.37
C PHE B 234 4.38 -33.84 11.61
N ALA B 235 5.44 -34.65 11.56
CA ALA B 235 6.63 -34.36 10.73
C ALA B 235 6.15 -33.68 9.43
N VAL B 236 5.31 -34.37 8.65
CA VAL B 236 4.87 -33.92 7.29
C VAL B 236 4.23 -32.54 7.42
N THR B 237 3.27 -32.34 8.33
CA THR B 237 2.58 -31.03 8.51
C THR B 237 3.60 -29.95 8.85
N LEU B 238 4.69 -30.30 9.57
CA LEU B 238 5.80 -29.35 9.90
C LEU B 238 6.49 -28.92 8.60
N LEU B 239 6.73 -29.87 7.70
CA LEU B 239 7.37 -29.64 6.37
C LEU B 239 6.50 -28.70 5.50
N ILE B 240 5.18 -28.87 5.52
CA ILE B 240 4.28 -28.05 4.65
C ILE B 240 3.97 -26.72 5.32
N ALA B 241 3.85 -26.73 6.64
CA ALA B 241 3.52 -25.51 7.40
C ALA B 241 4.62 -24.45 7.22
N GLY B 242 5.88 -24.85 7.17
CA GLY B 242 6.93 -23.84 7.13
C GLY B 242 7.76 -23.80 5.87
N TYR B 243 7.39 -24.52 4.82
CA TYR B 243 8.22 -24.45 3.59
C TYR B 243 7.83 -23.21 2.78
N GLU B 244 6.76 -23.32 1.99
CA GLU B 244 6.27 -22.24 1.09
C GLU B 244 5.81 -20.99 1.84
N THR B 245 5.41 -21.12 3.11
CA THR B 245 4.93 -19.99 3.94
C THR B 245 6.10 -19.08 4.34
N THR B 246 7.26 -19.64 4.64
CA THR B 246 8.40 -18.78 5.06
C THR B 246 9.06 -18.18 3.82
N ALA B 247 9.17 -18.96 2.76
CA ALA B 247 9.69 -18.45 1.48
C ALA B 247 8.98 -17.14 1.15
N ASN B 248 7.65 -17.13 1.28
CA ASN B 248 6.80 -16.00 0.84
C ASN B 248 6.78 -14.89 1.92
N ALA B 249 7.03 -15.22 3.19
CA ALA B 249 7.18 -14.23 4.29
C ALA B 249 8.40 -13.32 4.00
N ILE B 250 9.44 -13.84 3.33
CA ILE B 250 10.81 -13.21 3.20
C ILE B 250 10.88 -12.35 1.93
N GLY B 251 10.61 -12.94 0.76
CA GLY B 251 10.47 -12.24 -0.53
C GLY B 251 9.40 -11.15 -0.48
N ASN B 252 8.32 -11.37 0.28
CA ASN B 252 7.22 -10.37 0.42
C ASN B 252 7.70 -9.32 1.44
N SER B 253 8.39 -9.74 2.49
CA SER B 253 9.03 -8.81 3.47
C SER B 253 10.08 -7.92 2.78
N VAL B 254 10.85 -8.44 1.82
CA VAL B 254 11.94 -7.63 1.20
C VAL B 254 11.26 -6.64 0.25
N TYR B 255 10.53 -7.13 -0.76
CA TYR B 255 9.82 -6.32 -1.79
C TYR B 255 9.21 -5.06 -1.14
N THR B 256 8.67 -5.27 0.07
CA THR B 256 8.10 -4.25 0.99
C THR B 256 9.17 -3.24 1.40
N LEU B 257 10.26 -3.69 2.03
CA LEU B 257 11.36 -2.81 2.54
C LEU B 257 11.97 -2.03 1.39
N LEU B 258 11.87 -2.56 0.16
CA LEU B 258 12.52 -1.95 -1.02
C LEU B 258 11.56 -0.94 -1.65
N THR B 259 10.28 -0.92 -1.22
CA THR B 259 9.31 0.16 -1.55
C THR B 259 9.21 1.17 -0.40
N HIS B 260 9.90 0.95 0.73
CA HIS B 260 9.87 1.84 1.92
C HIS B 260 11.30 2.16 2.37
N PRO B 261 12.11 2.88 1.54
CA PRO B 261 13.54 3.02 1.77
C PRO B 261 13.91 3.79 3.05
N GLU B 262 13.03 4.63 3.58
CA GLU B 262 13.28 5.31 4.87
C GLU B 262 13.19 4.23 5.96
N LYS B 263 12.29 3.27 5.76
CA LYS B 263 12.05 2.12 6.68
C LYS B 263 13.22 1.13 6.56
N LEU B 264 13.91 1.14 5.42
CA LEU B 264 15.15 0.34 5.18
C LEU B 264 16.32 0.91 5.99
N ALA B 265 16.68 2.19 5.79
CA ALA B 265 17.80 2.86 6.48
C ALA B 265 17.60 2.73 8.00
N GLU B 266 16.39 2.91 8.51
CA GLU B 266 16.09 2.70 9.96
C GLU B 266 16.76 1.41 10.46
N LEU B 267 16.76 0.34 9.63
CA LEU B 267 17.39 -0.97 9.93
C LEU B 267 18.90 -0.94 9.61
N ARG B 268 19.27 -0.90 8.35
CA ARG B 268 20.72 -0.80 8.04
C ARG B 268 21.45 -0.07 9.17
N LYS B 269 21.00 1.14 9.52
CA LYS B 269 21.74 2.07 10.41
C LYS B 269 21.40 1.80 11.88
N ASP B 270 20.41 0.96 12.18
CA ASP B 270 20.29 0.29 13.51
C ASP B 270 19.64 -1.08 13.37
N LEU B 271 20.39 -2.13 13.71
CA LEU B 271 20.03 -3.55 13.50
C LEU B 271 19.36 -4.10 14.76
N SER B 272 19.42 -3.35 15.87
CA SER B 272 18.73 -3.66 17.15
C SER B 272 17.23 -3.89 16.88
N LEU B 273 16.70 -3.22 15.84
CA LEU B 273 15.25 -3.13 15.51
C LEU B 273 14.71 -4.36 14.75
N ILE B 274 15.56 -5.26 14.24
CA ILE B 274 15.18 -6.34 13.28
C ILE B 274 14.08 -7.25 13.87
N PRO B 275 14.18 -7.72 15.14
CA PRO B 275 13.10 -8.48 15.76
C PRO B 275 11.75 -7.74 15.81
N LYS B 276 11.74 -6.52 16.34
CA LYS B 276 10.55 -5.62 16.37
C LYS B 276 10.11 -5.30 14.94
N ALA B 277 11.02 -5.27 13.98
CA ALA B 277 10.74 -4.96 12.55
C ALA B 277 10.13 -6.16 11.83
N VAL B 278 10.37 -7.39 12.31
CA VAL B 278 9.89 -8.63 11.64
C VAL B 278 8.43 -8.94 12.05
N ASP B 279 8.00 -8.48 13.23
CA ASP B 279 6.59 -8.57 13.67
C ASP B 279 5.80 -7.50 12.91
N GLU B 280 6.47 -6.38 12.62
CA GLU B 280 5.86 -5.21 11.95
C GLU B 280 5.66 -5.59 10.50
N LEU B 281 6.70 -6.13 9.88
CA LEU B 281 6.60 -6.57 8.47
C LEU B 281 5.60 -7.72 8.33
N LEU B 282 5.31 -8.47 9.40
CA LEU B 282 4.28 -9.54 9.35
C LEU B 282 2.90 -8.87 9.44
N ARG B 283 2.55 -8.32 10.58
CA ARG B 283 1.23 -7.67 10.69
C ARG B 283 0.85 -6.94 9.38
N ILE B 284 1.77 -6.26 8.70
CA ILE B 284 1.37 -5.30 7.63
C ILE B 284 1.12 -6.01 6.29
N ILE B 285 1.88 -7.05 5.94
CA ILE B 285 1.65 -7.88 4.72
C ILE B 285 0.43 -8.77 4.96
N PRO B 286 -0.31 -9.18 3.91
CA PRO B 286 -1.28 -10.27 4.05
C PRO B 286 -0.58 -11.64 3.97
N ILE B 287 -1.13 -12.64 4.63
CA ILE B 287 -0.58 -14.04 4.65
C ILE B 287 -1.41 -14.94 3.71
N ALA B 288 -2.37 -14.36 2.97
CA ALA B 288 -3.23 -15.06 1.98
C ALA B 288 -3.93 -14.07 1.04
N LYS B 289 -4.45 -14.55 -0.09
CA LYS B 289 -5.22 -13.74 -1.08
C LYS B 289 -6.66 -13.61 -0.54
N GLN B 290 -7.17 -14.74 -0.03
CA GLN B 290 -8.54 -14.91 0.52
C GLN B 290 -8.50 -14.73 2.04
N ALA B 291 -9.69 -14.73 2.66
CA ALA B 291 -9.86 -14.87 4.12
C ALA B 291 -9.69 -16.34 4.52
N SER B 292 -9.96 -16.65 5.78
CA SER B 292 -9.64 -17.95 6.42
C SER B 292 -10.39 -19.10 5.74
N TRP B 293 -9.86 -20.32 5.89
CA TRP B 293 -10.66 -21.58 5.82
C TRP B 293 -11.74 -21.42 6.88
N VAL B 294 -12.95 -21.84 6.56
CA VAL B 294 -14.18 -21.47 7.33
C VAL B 294 -14.24 -22.30 8.63
N ARG B 295 -15.04 -21.85 9.62
CA ARG B 295 -15.36 -22.57 10.90
C ARG B 295 -16.86 -22.57 11.18
N MET B 296 -17.33 -23.62 11.86
CA MET B 296 -18.75 -23.86 12.22
C MET B 296 -18.97 -23.42 13.67
N ALA B 297 -19.93 -22.53 13.89
CA ALA B 297 -20.54 -22.30 15.23
C ALA B 297 -21.32 -23.56 15.61
N VAL B 298 -21.10 -24.07 16.83
CA VAL B 298 -21.87 -25.22 17.42
C VAL B 298 -22.72 -24.66 18.56
N GLU B 299 -22.88 -23.34 18.61
CA GLU B 299 -23.88 -22.59 19.41
C GLU B 299 -24.16 -21.24 18.71
N ASP B 300 -25.36 -20.69 18.87
CA ASP B 300 -25.66 -19.28 18.50
C ASP B 300 -24.53 -18.45 19.13
N VAL B 301 -24.00 -17.47 18.42
CA VAL B 301 -22.87 -16.64 18.93
C VAL B 301 -22.99 -15.21 18.43
N GLU B 302 -22.98 -14.26 19.37
CA GLU B 302 -22.92 -12.82 19.06
C GLU B 302 -21.54 -12.57 18.46
N LEU B 303 -21.47 -11.86 17.33
CA LEU B 303 -20.21 -11.47 16.66
C LEU B 303 -20.38 -10.13 15.95
N SER B 304 -19.87 -9.05 16.55
CA SER B 304 -20.02 -7.63 16.11
C SER B 304 -21.51 -7.32 15.99
N GLY B 305 -22.27 -7.61 17.05
CA GLY B 305 -23.73 -7.64 16.99
C GLY B 305 -24.21 -9.00 16.53
N THR B 306 -24.41 -9.18 15.21
CA THR B 306 -25.08 -10.35 14.59
C THR B 306 -24.89 -11.62 15.42
N ILE B 307 -25.95 -12.41 15.59
CA ILE B 307 -25.84 -13.76 16.21
C ILE B 307 -25.65 -14.76 15.06
N VAL B 308 -24.40 -15.19 14.86
CA VAL B 308 -24.04 -16.35 14.00
C VAL B 308 -24.61 -17.61 14.68
N LYS B 309 -25.75 -18.10 14.18
CA LYS B 309 -26.49 -19.27 14.74
C LYS B 309 -25.66 -20.56 14.56
N ALA B 310 -25.97 -21.59 15.37
CA ALA B 310 -25.30 -22.91 15.34
C ALA B 310 -25.45 -23.52 13.95
N GLY B 311 -24.37 -24.13 13.42
CA GLY B 311 -24.32 -24.70 12.06
C GLY B 311 -23.96 -23.65 11.00
N GLU B 312 -24.16 -22.36 11.28
CA GLU B 312 -23.72 -21.26 10.38
C GLU B 312 -22.19 -21.22 10.42
N ALA B 313 -21.56 -20.79 9.33
CA ALA B 313 -20.09 -20.82 9.13
C ALA B 313 -19.53 -19.41 9.23
N VAL B 314 -18.21 -19.29 9.37
CA VAL B 314 -17.52 -17.97 9.47
C VAL B 314 -16.04 -18.11 9.07
N ALA B 315 -15.58 -17.18 8.22
CA ALA B 315 -14.17 -16.97 7.84
C ALA B 315 -13.62 -15.71 8.54
N ILE B 316 -12.32 -15.68 8.84
CA ILE B 316 -11.58 -14.50 9.38
C ILE B 316 -10.58 -14.02 8.32
N GLN B 317 -10.65 -12.73 7.97
CA GLN B 317 -9.60 -11.98 7.22
C GLN B 317 -8.66 -11.38 8.25
N THR B 318 -7.38 -11.76 8.23
CA THR B 318 -6.40 -11.42 9.30
C THR B 318 -5.89 -10.01 9.08
N HIS B 319 -5.63 -9.60 7.82
CA HIS B 319 -5.04 -8.28 7.45
C HIS B 319 -5.87 -7.14 8.06
N SER B 320 -7.19 -7.26 8.02
CA SER B 320 -8.10 -6.23 8.58
C SER B 320 -7.96 -6.20 10.11
N ALA B 321 -7.72 -7.36 10.75
CA ALA B 321 -7.59 -7.48 12.21
C ALA B 321 -6.31 -6.78 12.67
N ASN B 322 -5.23 -6.95 11.89
CA ASN B 322 -3.85 -6.43 12.17
C ASN B 322 -3.78 -4.93 11.87
N THR B 323 -4.78 -4.38 11.15
CA THR B 323 -4.85 -2.95 10.73
C THR B 323 -6.00 -2.21 11.46
N ASP B 324 -6.69 -2.86 12.41
CA ASP B 324 -7.91 -2.30 13.10
C ASP B 324 -7.54 -1.07 13.92
N PRO B 325 -8.04 0.15 13.58
CA PRO B 325 -7.73 1.35 14.36
C PRO B 325 -8.27 1.37 15.80
N LYS B 326 -9.09 0.37 16.18
CA LYS B 326 -9.53 0.10 17.58
C LYS B 326 -8.41 -0.54 18.40
N VAL B 327 -7.33 -1.02 17.76
CA VAL B 327 -6.21 -1.78 18.41
C VAL B 327 -4.87 -1.13 18.06
N TYR B 328 -4.53 -1.06 16.78
CA TYR B 328 -3.31 -0.39 16.25
C TYR B 328 -3.59 1.08 15.92
N ASP B 329 -2.81 2.00 16.51
CA ASP B 329 -2.74 3.44 16.11
C ASP B 329 -1.90 3.54 14.82
N HIS B 330 -2.05 4.61 14.03
CA HIS B 330 -1.41 4.77 12.70
C HIS B 330 -1.29 3.38 12.07
N PRO B 331 -2.42 2.65 12.00
CA PRO B 331 -2.41 1.22 11.70
C PRO B 331 -1.86 0.81 10.33
N GLU B 332 -1.89 1.72 9.34
CA GLU B 332 -1.42 1.41 7.97
C GLU B 332 -0.07 2.11 7.74
N GLU B 333 0.53 2.68 8.79
CA GLU B 333 1.86 3.35 8.72
C GLU B 333 2.93 2.47 9.42
N ILE B 334 3.87 1.92 8.64
CA ILE B 334 4.94 0.99 9.13
C ILE B 334 5.81 1.75 10.13
N ASP B 335 6.05 1.18 11.31
CA ASP B 335 6.79 1.83 12.42
C ASP B 335 7.40 0.74 13.31
N PHE B 336 8.70 0.90 13.65
CA PHE B 336 9.58 -0.11 14.29
C PHE B 336 9.80 0.19 15.79
N HIS B 337 8.90 0.93 16.44
CA HIS B 337 9.04 1.35 17.88
C HIS B 337 7.75 1.06 18.66
N ARG B 338 6.81 0.33 18.05
CA ARG B 338 5.52 -0.06 18.68
C ARG B 338 5.83 -0.74 20.00
N THR B 339 5.16 -0.31 21.07
CA THR B 339 5.38 -0.84 22.43
C THR B 339 4.56 -2.13 22.61
N SER B 340 3.81 -2.55 21.58
CA SER B 340 3.11 -3.86 21.54
C SER B 340 2.58 -4.15 20.12
N ASN B 341 2.35 -5.44 19.80
CA ASN B 341 2.00 -5.90 18.43
C ASN B 341 1.26 -7.24 18.45
N PRO B 342 0.00 -7.31 18.94
CA PRO B 342 -0.74 -8.57 18.98
C PRO B 342 -1.36 -8.78 17.59
N HIS B 343 -0.58 -9.33 16.67
CA HIS B 343 -0.82 -9.14 15.20
C HIS B 343 -1.65 -10.27 14.59
N MET B 344 -1.66 -11.49 15.14
CA MET B 344 -2.45 -12.64 14.59
C MET B 344 -1.87 -13.19 13.28
N SER B 345 -0.81 -12.60 12.74
CA SER B 345 -0.13 -13.09 11.53
C SER B 345 0.23 -14.58 11.73
N LEU B 346 0.78 -14.92 12.89
CA LEU B 346 1.08 -16.33 13.28
C LEU B 346 -0.08 -16.90 14.12
N GLY B 347 -1.29 -16.37 13.94
CA GLY B 347 -2.51 -16.83 14.64
C GLY B 347 -2.53 -16.41 16.09
N HIS B 348 -3.33 -17.08 16.92
CA HIS B 348 -3.70 -16.65 18.30
C HIS B 348 -4.35 -17.82 19.05
N GLY B 349 -4.13 -17.91 20.35
CA GLY B 349 -4.78 -18.93 21.20
C GLY B 349 -4.16 -20.30 21.05
N ALA B 350 -4.98 -21.34 21.14
CA ALA B 350 -4.56 -22.75 21.27
C ALA B 350 -3.77 -23.18 20.02
N HIS B 351 -4.20 -22.72 18.85
CA HIS B 351 -3.57 -23.09 17.57
C HIS B 351 -2.54 -22.02 17.15
N HIS B 352 -1.78 -21.51 18.12
CA HIS B 352 -0.69 -20.52 17.89
C HIS B 352 0.37 -21.16 16.99
N CYS B 353 0.71 -20.53 15.87
CA CYS B 353 1.73 -21.03 14.90
C CYS B 353 2.80 -21.76 15.69
N MET B 354 2.98 -23.06 15.46
CA MET B 354 3.91 -23.91 16.26
C MET B 354 5.35 -23.61 15.82
N GLY B 355 5.50 -22.94 14.69
CA GLY B 355 6.82 -22.53 14.16
C GLY B 355 7.01 -21.04 14.29
N ALA B 356 6.71 -20.51 15.48
CA ALA B 356 6.76 -19.08 15.85
C ALA B 356 8.23 -18.66 15.98
N GLN B 357 8.94 -19.31 16.90
CA GLN B 357 10.31 -18.95 17.31
C GLN B 357 11.24 -19.16 16.13
N LEU B 358 10.98 -20.18 15.30
CA LEU B 358 11.81 -20.53 14.12
C LEU B 358 11.53 -19.57 12.97
N VAL B 359 10.28 -19.15 12.81
CA VAL B 359 9.87 -18.16 11.77
C VAL B 359 10.58 -16.84 12.06
N ARG B 360 10.60 -16.44 13.33
CA ARG B 360 11.07 -15.12 13.81
C ARG B 360 12.60 -15.05 13.68
N VAL B 361 13.31 -16.19 13.75
CA VAL B 361 14.81 -16.21 13.62
C VAL B 361 15.22 -16.46 12.16
N GLU B 362 14.43 -17.26 11.41
CA GLU B 362 14.54 -17.39 9.93
C GLU B 362 14.51 -15.99 9.30
N MET B 363 13.45 -15.21 9.56
CA MET B 363 13.25 -13.85 8.98
C MET B 363 14.19 -12.82 9.63
N GLN B 364 14.40 -12.88 10.95
CA GLN B 364 15.36 -11.96 11.62
C GLN B 364 16.71 -12.09 10.89
N THR B 365 17.30 -13.30 10.86
CA THR B 365 18.67 -13.56 10.33
C THR B 365 18.71 -13.40 8.79
N ALA B 366 17.61 -13.64 8.06
CA ALA B 366 17.52 -13.45 6.59
C ALA B 366 17.72 -11.98 6.20
N LEU B 367 17.33 -11.03 7.06
CA LEU B 367 17.51 -9.57 6.84
C LEU B 367 18.83 -9.16 7.51
N GLY B 368 19.01 -9.49 8.80
CA GLY B 368 20.30 -9.38 9.52
C GLY B 368 21.46 -9.72 8.58
N SER B 369 21.13 -10.40 7.50
CA SER B 369 22.16 -10.78 6.49
C SER B 369 22.09 -9.88 5.27
N LEU B 370 21.01 -9.96 4.50
CA LEU B 370 20.99 -9.27 3.19
C LEU B 370 21.22 -7.75 3.35
N ILE B 371 20.80 -7.17 4.48
CA ILE B 371 20.60 -5.69 4.65
C ILE B 371 21.92 -5.04 5.08
N SER B 372 22.77 -5.75 5.84
CA SER B 372 24.16 -5.32 6.19
C SER B 372 25.18 -5.84 5.15
N ARG B 373 24.89 -6.99 4.52
CA ARG B 373 25.83 -7.78 3.67
C ARG B 373 25.57 -7.54 2.18
N ILE B 374 24.58 -6.71 1.87
CA ILE B 374 24.49 -6.01 0.56
C ILE B 374 23.88 -4.64 0.88
N PRO B 375 24.66 -3.72 1.49
CA PRO B 375 24.08 -2.48 1.98
C PRO B 375 23.52 -1.63 0.80
N ALA B 376 23.88 -1.93 -0.45
CA ALA B 376 23.35 -1.26 -1.66
C ALA B 376 22.45 -2.23 -2.45
N LEU B 377 21.60 -2.98 -1.75
CA LEU B 377 20.60 -3.91 -2.34
C LEU B 377 19.44 -3.07 -2.84
N ARG B 378 19.08 -3.22 -4.13
CA ARG B 378 18.11 -2.37 -4.88
C ARG B 378 17.32 -3.30 -5.80
N PHE B 379 16.15 -2.87 -6.32
CA PHE B 379 15.44 -3.59 -7.41
C PHE B 379 16.29 -3.52 -8.68
N ALA B 380 16.16 -4.54 -9.53
CA ALA B 380 16.90 -4.67 -10.80
C ALA B 380 15.97 -4.39 -11.98
N VAL B 381 14.79 -3.82 -11.70
CA VAL B 381 13.72 -3.53 -12.71
C VAL B 381 12.69 -2.63 -12.02
N PRO B 382 11.99 -1.72 -12.75
CA PRO B 382 10.92 -0.90 -12.18
C PRO B 382 9.94 -1.60 -11.22
N GLU B 383 9.71 -0.99 -10.05
CA GLU B 383 8.98 -1.61 -8.90
C GLU B 383 7.69 -2.26 -9.41
N PRO B 384 6.83 -1.51 -10.14
CA PRO B 384 5.54 -2.05 -10.61
C PRO B 384 5.63 -3.08 -11.74
N ARG B 385 6.82 -3.40 -12.25
CA ARG B 385 7.00 -4.34 -13.38
C ARG B 385 7.23 -5.75 -12.81
N ILE B 386 7.74 -5.79 -11.58
CA ILE B 386 7.92 -7.06 -10.83
C ILE B 386 6.61 -7.81 -10.92
N LYS B 387 6.58 -8.99 -11.52
CA LYS B 387 5.33 -9.76 -11.67
C LYS B 387 5.10 -10.59 -10.41
N PHE B 388 3.85 -10.85 -10.07
CA PHE B 388 3.50 -11.70 -8.90
C PHE B 388 2.81 -12.96 -9.43
N LEU B 389 2.94 -14.07 -8.71
CA LEU B 389 2.31 -15.32 -9.19
C LEU B 389 0.81 -15.12 -9.32
N ARG B 390 0.22 -15.59 -10.43
CA ARG B 390 -1.23 -15.46 -10.66
C ARG B 390 -1.95 -16.54 -9.86
N GLY B 391 -2.28 -17.65 -10.52
CA GLY B 391 -2.98 -18.72 -9.80
C GLY B 391 -2.21 -19.17 -8.58
N ARG B 392 -2.68 -18.82 -7.39
CA ARG B 392 -2.01 -19.24 -6.14
C ARG B 392 -2.99 -19.11 -4.97
N LEU B 393 -2.61 -19.60 -3.79
CA LEU B 393 -3.48 -19.52 -2.59
C LEU B 393 -2.96 -18.42 -1.69
N VAL B 394 -1.66 -18.13 -1.79
CA VAL B 394 -1.03 -17.05 -0.99
C VAL B 394 -0.50 -15.98 -1.95
N PRO B 395 0.00 -14.85 -1.43
CA PRO B 395 0.57 -13.82 -2.27
C PRO B 395 2.01 -14.30 -2.49
N SER B 396 2.30 -14.78 -3.71
CA SER B 396 3.66 -15.31 -4.01
C SER B 396 4.28 -14.53 -5.17
N LEU B 397 5.61 -14.41 -5.13
CA LEU B 397 6.39 -13.65 -6.14
C LEU B 397 6.90 -14.56 -7.25
N GLU B 398 6.57 -14.29 -8.51
CA GLU B 398 7.15 -15.04 -9.65
C GLU B 398 8.66 -14.88 -9.58
N ALA B 399 9.16 -13.64 -9.53
CA ALA B 399 10.59 -13.33 -9.37
C ALA B 399 10.76 -11.99 -8.64
N LEU B 400 11.71 -11.94 -7.69
CA LEU B 400 12.22 -10.71 -7.04
C LEU B 400 13.61 -10.44 -7.57
N PRO B 401 13.74 -9.95 -8.83
CA PRO B 401 15.05 -9.57 -9.39
C PRO B 401 15.73 -8.38 -8.70
N LEU B 402 16.89 -8.63 -8.10
CA LEU B 402 17.70 -7.63 -7.35
C LEU B 402 19.03 -7.43 -8.09
N THR B 403 19.78 -6.39 -7.69
CA THR B 403 21.06 -5.93 -8.29
C THR B 403 21.81 -5.21 -7.17
N TRP B 404 23.16 -5.19 -7.22
CA TRP B 404 24.05 -4.53 -6.20
C TRP B 404 25.24 -3.84 -6.87
CHA HEM C . 0.68 16.61 -1.90
CHB HEM C . -3.19 18.58 0.08
CHC HEM C . -5.38 18.13 -4.21
CHD HEM C . -1.23 17.17 -6.30
C1A HEM C . -0.19 17.15 -1.02
C2A HEM C . 0.14 17.49 0.31
C3A HEM C . -0.94 18.06 0.87
C4A HEM C . -1.93 18.08 -0.12
CMA HEM C . -1.05 18.56 2.29
CAA HEM C . 1.48 17.26 0.99
CBA HEM C . 1.50 16.00 1.86
CGA HEM C . 2.66 16.03 2.81
O1A HEM C . 2.43 15.60 3.97
O2A HEM C . 3.80 16.42 2.48
C1B HEM C . -4.16 18.57 -0.93
C2B HEM C . -5.52 18.90 -0.68
C3B HEM C . -6.18 18.79 -1.87
C4B HEM C . -5.14 18.35 -2.86
CMB HEM C . -6.17 19.31 0.61
CAB HEM C . -7.65 19.09 -1.97
CBB HEM C . -8.41 19.05 -3.09
C1C HEM C . -4.45 17.86 -5.19
C2C HEM C . -4.69 17.86 -6.58
C3C HEM C . -3.50 17.60 -7.19
C4C HEM C . -2.54 17.47 -6.15
CMC HEM C . -5.98 18.08 -7.37
CAC HEM C . -3.45 17.52 -8.65
CBC HEM C . -2.36 17.25 -9.34
C1D HEM C . -0.36 16.92 -5.24
C2D HEM C . 0.98 16.35 -5.45
C3D HEM C . 1.52 16.17 -4.21
C4D HEM C . 0.47 16.62 -3.27
CMD HEM C . 1.62 16.02 -6.79
CAD HEM C . 2.92 15.63 -3.90
CBD HEM C . 3.56 16.21 -2.63
CGD HEM C . 5.05 16.18 -2.75
O1D HEM C . 5.66 17.30 -2.79
O2D HEM C . 5.62 15.04 -2.81
NA HEM C . -1.47 17.53 -1.28
NB HEM C . -3.98 18.26 -2.24
NC HEM C . -3.15 17.63 -4.95
ND HEM C . -0.61 17.05 -3.92
FE HEM C . -2.17 17.66 -3.14
CHA HEM D . -0.66 -22.66 12.93
CHB HEM D . 3.50 -24.98 12.39
CHC HEM D . 5.27 -21.21 9.91
CHD HEM D . 1.04 -19.07 10.08
C1A HEM D . 0.32 -23.61 12.98
C2A HEM D . 0.11 -24.96 13.41
C3A HEM D . 1.30 -25.61 13.23
C4A HEM D . 2.21 -24.67 12.73
CMA HEM D . 1.63 -27.05 13.51
CAA HEM D . -1.18 -25.60 13.92
CBA HEM D . -1.61 -25.06 15.29
CGA HEM D . -2.39 -26.09 16.09
O1A HEM D . -3.66 -26.11 16.12
O2A HEM D . -1.74 -26.91 16.75
C1B HEM D . 4.35 -24.10 11.67
C2B HEM D . 5.72 -24.43 11.43
C3B HEM D . 6.24 -23.38 10.75
C4B HEM D . 5.12 -22.41 10.57
CMB HEM D . 6.44 -25.68 11.87
CAB HEM D . 7.63 -23.23 10.32
CBB HEM D . 8.61 -24.07 10.69
C1C HEM D . 4.26 -20.31 9.72
C2C HEM D . 4.42 -19.10 9.09
C3C HEM D . 3.22 -18.48 9.13
C4C HEM D . 2.34 -19.36 9.80
CMC HEM D . 5.69 -18.57 8.48
CAC HEM D . 2.85 -17.17 8.60
CBC HEM D . 3.70 -16.33 8.04
C1D HEM D . 0.23 -19.88 10.92
C2D HEM D . -1.12 -19.48 11.33
C3D HEM D . -1.63 -20.48 12.10
C4D HEM D . -0.52 -21.48 12.20
CMD HEM D . -1.84 -18.21 10.92
CAD HEM D . -3.02 -20.44 12.71
CBD HEM D . -4.03 -21.62 12.64
CGD HEM D . -5.21 -21.31 13.58
O1D HEM D . -5.09 -20.63 14.66
O2D HEM D . -6.37 -21.72 13.30
NA HEM D . 1.61 -23.44 12.54
NB HEM D . 4.05 -22.90 11.14
NC HEM D . 3.03 -20.46 10.16
ND HEM D . 0.56 -21.08 11.48
FE HEM D . 2.20 -21.98 11.28
O14 E53 E . 0.29 -25.41 2.68
C52 E53 E . -0.92 -25.39 2.88
C53 E53 E . -1.74 -26.67 2.79
C13 E53 E . -1.54 -27.47 1.49
C11 E53 E . -1.90 -28.99 1.62
C12 E53 E . -3.40 -29.24 1.85
C10 E53 E . -1.36 -29.82 0.43
C6 E53 E . -1.15 -31.32 0.68
C5 E53 E . -1.91 -32.20 -0.33
C4 E53 E . -1.52 -33.69 -0.45
O3 E53 E . -2.31 -34.51 0.44
C9 E53 E . -3.65 -34.76 0.01
C7 E53 E . 0.33 -31.65 0.58
C8 E53 E . 0.58 -33.13 0.86
C3 E53 E . -0.02 -33.97 -0.26
O2 E53 E . 0.23 -35.37 -0.02
C2 E53 E . 0.34 -36.15 -1.21
C1 E53 E . -0.35 -37.48 -0.97
O1 E53 E . -1.75 -37.26 -1.14
C50 E53 E . -1.57 -24.05 3.22
C51 E53 E . -1.12 -22.99 2.21
C49 E53 E . -1.28 -23.48 4.60
C47 E53 E . -0.99 -24.11 5.78
C48 E53 E . -0.96 -25.64 5.89
C46 E53 E . -0.77 -23.24 7.04
O13 E53 E . 0.08 -23.86 8.04
C44 E53 E . -0.21 -21.81 6.83
O12 E53 E . 0.78 -21.64 7.88
C45 E53 E . 2.05 -22.24 7.69
C43 E53 E . -1.29 -20.71 6.91
O11 E53 E . -1.76 -20.46 8.00
C41 E53 E . -1.83 -19.84 5.76
C42 E53 E . -0.71 -18.93 5.28
C40 E53 E . -3.07 -18.97 6.14
C38 E53 E . -4.48 -19.61 6.29
C39 E53 E . -5.28 -19.08 7.49
C37 E53 E . -4.37 -21.10 6.45
C36 E53 E . -4.73 -22.05 5.58
C35 E53 E . -5.36 -21.85 4.28
C34 E53 E . -5.64 -22.92 3.53
C33 E53 E . -5.33 -24.25 4.06
C31 E53 E . -5.64 -25.42 3.48
C32 E53 E . -5.27 -26.68 4.20
C29 E53 E . -6.34 -25.53 2.16
O10 E53 E . -7.46 -26.39 2.40
C30 E53 E . -8.62 -25.74 2.90
C28 E53 E . -5.39 -26.08 1.10
C23 E53 E . -5.97 -27.27 0.33
O8 E53 E . -4.91 -27.85 -0.43
C24 E53 E . -7.12 -26.77 -0.56
C25 E53 E . -7.55 -27.80 -1.59
C26 E53 E . -6.32 -28.27 -2.36
C27 E53 E . -6.70 -29.21 -3.51
C22 E53 E . -5.27 -28.85 -1.39
O9 E53 E . -5.80 -29.95 -0.64
C21 E53 E . -4.06 -29.33 -2.17
O7 E53 E . -3.75 -30.51 -2.09
C20 E53 E . -3.27 -28.45 -3.05
O6 E53 E . -3.68 -28.21 -4.18
N E53 E . -2.09 -27.93 -2.64
C15 E53 E . -2.00 -26.55 -2.12
C14 E53 E . -1.46 -26.40 -0.71
O5 E53 E . -0.36 -25.93 -0.52
O4 E53 E . -2.26 -26.83 0.43
C19 E53 E . -0.79 -28.58 -2.73
C18 E53 E . -0.19 -27.95 -3.97
C17 E53 E . 0.01 -26.45 -3.79
C16 E53 E . -1.17 -25.74 -3.13
#